data_1KKR
#
_entry.id   1KKR
#
_cell.length_a   129.537
_cell.length_b   238.933
_cell.length_c   66.269
_cell.angle_alpha   90.00
_cell.angle_beta   90.00
_cell.angle_gamma   90.00
#
_symmetry.space_group_name_H-M   'C 2 2 2'
#
loop_
_entity.id
_entity.type
_entity.pdbx_description
1 polymer '3-METHYLASPARTATE AMMONIA-LYASE'
2 non-polymer 'MAGNESIUM ION'
3 non-polymer '(2S,3S)-3-methyl-aspartic acid'
4 water water
#
_entity_poly.entity_id   1
_entity_poly.type   'polypeptide(L)'
_entity_poly.pdbx_seq_one_letter_code
;(MSE)KIKQALFTAGYSSFYFDDQQAIKNGAGHDGFIYTGDPVTPGFTSVRQAGECVSVQLILENGAVAVGDCAAVQYSG
AGGRDPLFLAEHFIPFLNDHIKPLLEGRDVDAFLPNARFFDKLRIDGNLLHTAVRYGLSQALLDATALASGRLKTEVVCD
EWQLPCVPEAIPLFGQSGDDRYIAVDK(MSE)ILKGVDVLPHALINNVEEKLGFKGEKLREYVRWLSDRILSLRSSPRYH
PTLHIDVYGTIGLIFD(MSE)DPVRCAEYIASLEKEAQGLPLYIEGPVDAGNKPDQIR(MSE)LTAITKELTRLGSGVKI
VADEWCNTYQDIVDFTDAGSCH(MSE)VQIKTPDLGGIHNIVDAVLYCNKHG(MSE)EAYQGGTCNETEISARTCVHVAL
AARP(MSE)R(MSE)LIKPG(MSE)GFDEGLNIVFNE(MSE)NRTIALLQTKD
;
_entity_poly.pdbx_strand_id   A,B
#
loop_
_chem_comp.id
_chem_comp.type
_chem_comp.name
_chem_comp.formula
MG non-polymer 'MAGNESIUM ION' 'Mg 2'
#
# COMPACT_ATOMS: atom_id res chain seq x y z
N MSE A 1 14.01 -10.76 28.39
CA MSE A 1 12.68 -11.38 27.95
C MSE A 1 12.88 -12.27 26.75
O MSE A 1 13.74 -12.05 25.91
CB MSE A 1 11.60 -10.32 27.64
CG MSE A 1 10.12 -10.84 27.71
SE MSE A 1 9.12 -9.55 27.02
CE MSE A 1 9.66 -8.38 26.90
N LYS A 2 12.17 -13.36 26.79
CA LYS A 2 12.17 -14.31 25.75
C LYS A 2 11.00 -14.34 24.81
N ILE A 3 11.27 -14.96 23.67
CA ILE A 3 10.27 -15.33 22.67
C ILE A 3 9.62 -16.58 23.19
N LYS A 4 8.33 -16.49 23.34
CA LYS A 4 7.52 -17.62 23.71
C LYS A 4 7.11 -18.45 22.52
N GLN A 5 6.70 -17.82 21.43
CA GLN A 5 6.36 -18.59 20.24
C GLN A 5 6.70 -17.89 18.97
N ALA A 6 7.10 -18.67 17.98
CA ALA A 6 7.42 -18.13 16.70
C ALA A 6 6.42 -18.69 15.63
N LEU A 7 5.79 -17.80 14.91
CA LEU A 7 4.86 -18.21 13.84
C LEU A 7 5.34 -17.75 12.43
N PHE A 8 5.19 -18.60 11.40
CA PHE A 8 5.49 -18.26 9.98
C PHE A 8 4.22 -18.41 9.11
N THR A 9 3.84 -17.39 8.37
CA THR A 9 2.62 -17.42 7.58
C THR A 9 2.86 -16.85 6.20
N ALA A 10 2.43 -17.60 5.19
CA ALA A 10 2.62 -17.27 3.79
C ALA A 10 1.84 -16.03 3.52
N GLY A 11 2.30 -15.22 2.58
CA GLY A 11 1.59 -14.02 2.22
C GLY A 11 1.94 -13.52 0.84
N TYR A 12 1.26 -12.44 0.44
CA TYR A 12 1.51 -11.78 -0.84
C TYR A 12 2.29 -10.51 -0.56
N SER A 13 3.33 -10.28 -1.34
CA SER A 13 4.11 -9.04 -1.29
C SER A 13 3.38 -8.06 -2.21
N SER A 14 3.87 -6.82 -2.26
CA SER A 14 3.23 -5.71 -2.99
C SER A 14 3.59 -5.61 -4.49
N PHE A 15 4.24 -6.61 -5.07
CA PHE A 15 4.41 -6.63 -6.52
C PHE A 15 4.53 -8.03 -7.10
N TYR A 16 5.47 -8.26 -8.00
CA TYR A 16 5.53 -9.50 -8.77
C TYR A 16 6.98 -9.93 -8.76
N PHE A 17 7.19 -11.23 -8.75
CA PHE A 17 8.44 -11.77 -9.16
C PHE A 17 8.52 -11.76 -10.68
N ASP A 18 9.57 -11.15 -11.25
CA ASP A 18 9.76 -11.12 -12.70
C ASP A 18 11.05 -11.85 -13.09
N ASP A 19 11.01 -12.62 -14.17
CA ASP A 19 12.22 -13.23 -14.70
C ASP A 19 12.93 -12.24 -15.58
N GLN A 20 13.83 -11.51 -14.96
CA GLN A 20 14.64 -10.54 -15.63
C GLN A 20 15.31 -11.06 -16.91
N GLN A 21 15.79 -12.30 -16.92
CA GLN A 21 16.54 -12.73 -18.08
C GLN A 21 15.58 -12.82 -19.29
N ALA A 22 14.42 -13.45 -19.04
CA ALA A 22 13.46 -13.66 -20.13
C ALA A 22 12.91 -12.36 -20.67
N ILE A 23 12.70 -11.40 -19.78
CA ILE A 23 12.25 -10.06 -20.17
C ILE A 23 13.31 -9.29 -21.02
N LYS A 24 14.58 -9.40 -20.65
CA LYS A 24 15.66 -8.71 -21.38
C LYS A 24 15.85 -9.33 -22.80
N ASN A 25 15.74 -10.65 -22.85
CA ASN A 25 15.70 -11.44 -24.06
C ASN A 25 14.54 -11.01 -25.00
N GLY A 26 13.56 -10.28 -24.46
CA GLY A 26 12.56 -9.59 -25.25
C GLY A 26 11.16 -10.15 -25.15
N ALA A 27 10.91 -10.84 -24.06
CA ALA A 27 9.62 -11.40 -23.86
C ALA A 27 8.49 -10.42 -24.19
N GLY A 28 7.52 -10.93 -24.93
CA GLY A 28 6.34 -10.16 -25.23
C GLY A 28 5.32 -10.14 -24.10
N HIS A 29 4.31 -9.30 -24.28
CA HIS A 29 3.26 -9.19 -23.32
C HIS A 29 1.87 -9.44 -23.86
N ASP A 30 0.97 -9.75 -22.94
CA ASP A 30 -0.44 -9.92 -23.21
C ASP A 30 -1.05 -9.34 -21.94
N GLY A 31 -1.52 -8.09 -21.99
CA GLY A 31 -2.03 -7.36 -20.83
C GLY A 31 -0.89 -7.19 -19.81
N PHE A 32 -1.05 -7.67 -18.59
CA PHE A 32 -0.04 -7.55 -17.56
C PHE A 32 0.89 -8.71 -17.55
N ILE A 33 0.55 -9.74 -18.28
CA ILE A 33 1.32 -10.96 -18.32
C ILE A 33 2.43 -10.91 -19.38
N TYR A 34 3.56 -11.59 -19.12
CA TYR A 34 4.64 -11.75 -20.08
C TYR A 34 4.47 -13.11 -20.70
N THR A 35 4.68 -13.17 -22.02
CA THR A 35 4.62 -14.40 -22.81
C THR A 35 5.97 -15.11 -23.01
N GLY A 36 5.87 -16.34 -23.49
CA GLY A 36 7.02 -17.17 -23.79
C GLY A 36 7.36 -17.99 -22.57
N ASP A 37 8.47 -18.68 -22.65
CA ASP A 37 8.92 -19.40 -21.49
C ASP A 37 9.96 -18.64 -20.68
N PRO A 38 9.90 -18.91 -19.38
CA PRO A 38 10.89 -18.40 -18.46
C PRO A 38 12.15 -19.13 -18.72
N VAL A 39 13.27 -18.51 -18.38
CA VAL A 39 14.52 -19.19 -18.49
C VAL A 39 15.17 -19.33 -17.14
N THR A 40 14.74 -18.51 -16.18
CA THR A 40 15.31 -18.53 -14.83
C THR A 40 14.74 -19.67 -14.00
N PRO A 41 15.54 -20.34 -13.16
CA PRO A 41 15.04 -21.52 -12.43
C PRO A 41 14.01 -21.18 -11.38
N GLY A 42 13.04 -22.07 -11.22
CA GLY A 42 11.98 -21.90 -10.26
C GLY A 42 10.75 -21.18 -10.80
N PHE A 43 10.88 -20.45 -11.91
CA PHE A 43 9.77 -19.64 -12.38
C PHE A 43 8.75 -20.48 -13.14
N THR A 44 7.47 -20.29 -12.84
CA THR A 44 6.45 -20.98 -13.62
C THR A 44 5.96 -20.12 -14.79
N SER A 45 6.13 -18.81 -14.67
CA SER A 45 5.83 -17.90 -15.74
C SER A 45 6.86 -16.79 -15.76
N VAL A 46 6.88 -16.00 -16.81
CA VAL A 46 7.84 -14.94 -16.86
C VAL A 46 7.55 -13.96 -15.69
N ARG A 47 6.27 -13.76 -15.40
CA ARG A 47 5.82 -12.92 -14.30
C ARG A 47 4.90 -13.74 -13.43
N GLN A 48 5.17 -13.72 -12.13
CA GLN A 48 4.40 -14.45 -11.10
C GLN A 48 4.13 -13.55 -9.90
N ALA A 49 3.13 -13.91 -9.09
CA ALA A 49 2.80 -13.12 -7.89
C ALA A 49 3.96 -13.01 -6.94
N GLY A 50 4.20 -11.84 -6.36
CA GLY A 50 5.22 -11.72 -5.34
C GLY A 50 4.69 -12.33 -4.05
N GLU A 51 5.57 -13.01 -3.37
CA GLU A 51 5.25 -13.65 -2.11
C GLU A 51 6.19 -13.23 -0.96
N CYS A 52 5.73 -13.39 0.27
CA CYS A 52 6.48 -13.14 1.46
C CYS A 52 6.11 -14.14 2.55
N VAL A 53 6.89 -14.19 3.62
CA VAL A 53 6.54 -14.98 4.78
C VAL A 53 6.61 -14.04 5.94
N SER A 54 5.49 -13.82 6.60
CA SER A 54 5.41 -13.01 7.79
C SER A 54 5.92 -13.85 9.04
N VAL A 55 6.73 -13.19 9.86
CA VAL A 55 7.31 -13.82 11.03
C VAL A 55 6.63 -13.09 12.16
N GLN A 56 6.03 -13.83 13.05
CA GLN A 56 5.50 -13.22 14.25
C GLN A 56 6.15 -13.88 15.49
N LEU A 57 6.60 -13.08 16.44
CA LEU A 57 7.28 -13.60 17.60
C LEU A 57 6.48 -13.08 18.76
N ILE A 58 5.78 -13.97 19.44
CA ILE A 58 5.02 -13.64 20.62
C ILE A 58 6.02 -13.76 21.79
N LEU A 59 6.12 -12.69 22.56
CA LEU A 59 7.04 -12.53 23.66
C LEU A 59 6.35 -12.87 24.94
N GLU A 60 7.14 -13.02 25.99
CA GLU A 60 6.63 -13.37 27.29
C GLU A 60 5.70 -12.33 27.82
N ASN A 61 5.88 -11.04 27.51
CA ASN A 61 4.93 -10.07 28.02
C ASN A 61 3.67 -10.00 27.15
N GLY A 62 3.51 -10.94 26.23
CA GLY A 62 2.36 -10.89 25.34
C GLY A 62 2.43 -10.03 24.10
N ALA A 63 3.46 -9.19 23.93
CA ALA A 63 3.56 -8.45 22.70
C ALA A 63 3.88 -9.39 21.51
N VAL A 64 3.57 -8.89 20.33
CA VAL A 64 3.78 -9.61 19.08
C VAL A 64 4.60 -8.79 18.18
N ALA A 65 5.82 -9.26 17.99
CA ALA A 65 6.75 -8.58 17.11
C ALA A 65 6.60 -9.12 15.69
N VAL A 66 6.83 -8.25 14.71
CA VAL A 66 6.64 -8.66 13.33
C VAL A 66 7.77 -8.25 12.40
N GLY A 67 7.91 -9.10 11.39
CA GLY A 67 8.82 -8.91 10.28
C GLY A 67 8.38 -9.74 9.09
N ASP A 68 8.72 -9.24 7.89
CA ASP A 68 8.43 -9.95 6.66
C ASP A 68 9.61 -10.36 5.84
N CYS A 69 9.68 -11.64 5.57
CA CYS A 69 10.61 -12.18 4.65
C CYS A 69 10.11 -11.83 3.25
N ALA A 70 10.96 -11.11 2.50
CA ALA A 70 10.67 -10.66 1.13
C ALA A 70 11.92 -10.52 0.24
N ALA A 71 11.74 -10.68 -1.07
CA ALA A 71 12.84 -10.53 -2.07
C ALA A 71 12.52 -9.51 -3.17
N VAL A 72 13.57 -8.96 -3.77
CA VAL A 72 13.42 -8.05 -4.89
C VAL A 72 12.60 -8.65 -6.03
N GLN A 73 12.06 -7.72 -6.82
CA GLN A 73 11.28 -8.04 -7.98
C GLN A 73 12.00 -9.06 -8.84
N TYR A 74 13.26 -8.82 -9.13
CA TYR A 74 13.99 -9.79 -9.94
C TYR A 74 14.65 -10.89 -9.03
N SER A 75 13.85 -11.66 -8.32
CA SER A 75 14.35 -12.62 -7.33
C SER A 75 15.03 -13.70 -8.18
N GLY A 76 16.31 -13.97 -7.91
CA GLY A 76 17.18 -14.79 -8.77
C GLY A 76 18.14 -14.06 -9.73
N ALA A 77 19.07 -13.13 -9.35
CA ALA A 77 19.82 -12.33 -10.37
C ALA A 77 20.80 -11.08 -10.02
N GLY A 78 21.91 -10.90 -10.74
CA GLY A 78 22.82 -9.77 -10.48
C GLY A 78 23.64 -9.96 -9.21
N GLY A 79 23.62 -11.19 -8.69
CA GLY A 79 24.21 -11.53 -7.41
C GLY A 79 23.19 -11.66 -6.29
N ARG A 80 21.89 -11.44 -6.57
CA ARG A 80 20.77 -11.63 -5.60
C ARG A 80 20.35 -13.10 -5.50
N ASP A 81 19.91 -13.53 -4.30
CA ASP A 81 19.51 -14.93 -4.04
C ASP A 81 18.26 -15.27 -4.88
N PRO A 82 17.94 -16.56 -4.91
CA PRO A 82 16.91 -17.25 -5.69
C PRO A 82 15.42 -16.90 -5.56
N LEU A 83 14.58 -17.78 -6.18
CA LEU A 83 13.12 -17.50 -6.35
C LEU A 83 12.39 -17.79 -5.08
N PHE A 84 12.00 -16.73 -4.40
CA PHE A 84 11.47 -16.87 -3.03
C PHE A 84 10.01 -17.27 -2.90
N LEU A 85 9.76 -18.57 -2.97
CA LEU A 85 8.41 -19.11 -2.92
C LEU A 85 8.07 -19.50 -1.52
N ALA A 86 6.96 -18.98 -1.03
CA ALA A 86 6.73 -18.98 0.39
C ALA A 86 6.20 -20.23 0.94
N GLU A 87 5.35 -20.88 0.19
CA GLU A 87 4.73 -22.06 0.73
C GLU A 87 5.74 -23.08 1.13
N HIS A 88 6.69 -23.28 0.25
CA HIS A 88 7.78 -24.18 0.47
C HIS A 88 8.55 -23.79 1.72
N PHE A 89 8.68 -22.51 2.01
CA PHE A 89 9.48 -22.11 3.18
C PHE A 89 8.78 -22.34 4.53
N ILE A 90 7.45 -22.41 4.57
CA ILE A 90 6.81 -22.56 5.87
C ILE A 90 7.30 -23.81 6.63
N PRO A 91 7.21 -25.00 6.03
CA PRO A 91 7.63 -26.22 6.74
C PRO A 91 9.11 -26.16 7.15
N PHE A 92 9.95 -25.77 6.21
CA PHE A 92 11.37 -25.55 6.50
C PHE A 92 11.64 -24.61 7.68
N LEU A 93 11.00 -23.46 7.72
CA LEU A 93 11.22 -22.55 8.85
C LEU A 93 10.64 -23.09 10.14
N ASN A 94 9.48 -23.75 10.05
CA ASN A 94 8.89 -24.32 11.26
C ASN A 94 9.81 -25.38 11.82
N ASP A 95 10.47 -26.13 10.94
CA ASP A 95 11.28 -27.23 11.41
C ASP A 95 12.65 -26.79 11.93
N HIS A 96 13.38 -25.98 11.17
CA HIS A 96 14.72 -25.62 11.55
C HIS A 96 14.90 -24.31 12.29
N ILE A 97 13.98 -23.35 12.15
CA ILE A 97 14.14 -22.03 12.72
C ILE A 97 13.34 -21.77 13.95
N LYS A 98 12.11 -22.24 13.98
CA LYS A 98 11.29 -22.07 15.14
C LYS A 98 12.00 -22.46 16.46
N PRO A 99 12.63 -23.63 16.54
CA PRO A 99 13.30 -24.03 17.80
C PRO A 99 14.52 -23.18 18.14
N LEU A 100 14.98 -22.46 17.14
CA LEU A 100 16.07 -21.54 17.39
C LEU A 100 15.55 -20.15 17.81
N LEU A 101 14.25 -19.93 17.76
CA LEU A 101 13.67 -18.65 18.16
C LEU A 101 12.95 -18.75 19.49
N GLU A 102 12.22 -19.84 19.67
CA GLU A 102 11.50 -19.98 20.90
C GLU A 102 12.47 -20.14 22.07
N GLY A 103 12.25 -19.41 23.17
CA GLY A 103 13.18 -19.43 24.30
C GLY A 103 14.39 -18.50 24.15
N ARG A 104 14.54 -17.88 22.99
CA ARG A 104 15.64 -16.97 22.74
C ARG A 104 15.35 -15.62 23.42
N ASP A 105 16.39 -15.06 24.01
CA ASP A 105 16.31 -13.78 24.66
C ASP A 105 16.39 -12.66 23.66
N VAL A 106 15.56 -11.66 23.84
CA VAL A 106 15.58 -10.55 22.95
C VAL A 106 15.81 -9.18 23.60
N ASP A 107 16.36 -9.14 24.81
CA ASP A 107 16.74 -7.87 25.41
C ASP A 107 17.68 -7.05 24.50
N ALA A 108 18.51 -7.69 23.73
CA ALA A 108 19.27 -6.95 22.71
C ALA A 108 18.93 -7.50 21.32
N PHE A 109 19.29 -6.75 20.29
CA PHE A 109 19.05 -7.10 18.90
C PHE A 109 20.22 -7.70 18.15
N LEU A 110 21.41 -7.12 18.28
CA LEU A 110 22.53 -7.46 17.40
C LEU A 110 23.09 -8.87 17.48
N PRO A 111 23.32 -9.37 18.67
CA PRO A 111 23.80 -10.74 18.75
C PRO A 111 22.77 -11.69 18.05
N ASN A 112 21.48 -11.47 18.27
CA ASN A 112 20.52 -12.34 17.54
C ASN A 112 20.65 -12.17 16.00
N ALA A 113 20.81 -10.93 15.58
CA ALA A 113 20.83 -10.62 14.18
C ALA A 113 22.03 -11.28 13.53
N ARG A 114 23.14 -11.27 14.24
CA ARG A 114 24.38 -11.86 13.75
C ARG A 114 24.27 -13.36 13.63
N PHE A 115 23.69 -13.98 14.64
CA PHE A 115 23.46 -15.41 14.61
C PHE A 115 22.73 -15.89 13.34
N PHE A 116 21.56 -15.33 13.07
CA PHE A 116 20.74 -15.70 11.93
C PHE A 116 21.37 -15.28 10.63
N ASP A 117 22.20 -14.26 10.68
CA ASP A 117 22.80 -13.83 9.45
C ASP A 117 23.88 -14.78 8.91
N LYS A 118 24.54 -15.52 9.80
CA LYS A 118 25.62 -16.50 9.53
C LYS A 118 25.16 -17.98 9.49
N LEU A 119 23.95 -18.28 9.98
CA LEU A 119 23.46 -19.67 10.06
C LEU A 119 23.35 -20.48 8.76
N ARG A 120 23.94 -21.69 8.77
CA ARG A 120 23.80 -22.60 7.62
C ARG A 120 22.96 -23.80 8.00
N ILE A 121 22.01 -24.17 7.15
CA ILE A 121 21.20 -25.39 7.32
C ILE A 121 21.61 -26.31 6.16
N ASP A 122 22.15 -27.47 6.49
CA ASP A 122 22.64 -28.41 5.48
C ASP A 122 23.57 -27.72 4.55
N GLY A 123 24.47 -26.91 5.09
CA GLY A 123 25.48 -26.19 4.33
C GLY A 123 25.08 -24.89 3.67
N ASN A 124 23.79 -24.55 3.68
CA ASN A 124 23.27 -23.43 2.89
C ASN A 124 22.95 -22.26 3.83
N LEU A 125 23.55 -21.09 3.69
CA LEU A 125 23.09 -19.91 4.41
C LEU A 125 21.66 -19.70 4.21
N LEU A 126 21.02 -19.14 5.21
CA LEU A 126 19.61 -18.89 5.12
C LEU A 126 19.37 -17.93 3.95
N HIS A 127 18.29 -18.16 3.23
CA HIS A 127 17.95 -17.29 2.08
C HIS A 127 18.01 -15.84 2.57
N THR A 128 18.49 -14.97 1.72
CA THR A 128 18.61 -13.55 2.13
C THR A 128 17.26 -12.94 2.56
N ALA A 129 16.17 -13.39 1.98
CA ALA A 129 14.88 -12.83 2.39
C ALA A 129 14.46 -13.24 3.79
N VAL A 130 14.90 -14.44 4.17
CA VAL A 130 14.63 -14.98 5.51
C VAL A 130 15.43 -14.16 6.51
N ARG A 131 16.69 -13.89 6.17
CA ARG A 131 17.52 -13.06 7.04
C ARG A 131 16.92 -11.64 7.25
N TYR A 132 16.36 -11.12 6.16
CA TYR A 132 15.69 -9.81 6.12
C TYR A 132 14.51 -9.81 7.05
N GLY A 133 13.64 -10.76 6.82
CA GLY A 133 12.46 -10.87 7.64
C GLY A 133 12.73 -11.26 9.08
N LEU A 134 13.58 -12.24 9.31
CA LEU A 134 13.82 -12.57 10.74
C LEU A 134 14.39 -11.35 11.50
N SER A 135 15.26 -10.66 10.82
CA SER A 135 16.02 -9.57 11.44
C SER A 135 15.07 -8.44 11.79
N GLN A 136 14.11 -8.20 10.89
CA GLN A 136 13.06 -7.21 11.19
C GLN A 136 12.30 -7.58 12.46
N ALA A 137 11.87 -8.83 12.54
CA ALA A 137 11.11 -9.30 13.71
C ALA A 137 11.89 -9.22 15.04
N LEU A 138 13.16 -9.59 14.96
CA LEU A 138 14.09 -9.49 16.12
C LEU A 138 14.29 -8.04 16.57
N LEU A 139 14.38 -7.11 15.62
CA LEU A 139 14.49 -5.69 16.01
C LEU A 139 13.21 -5.24 16.73
N ASP A 140 12.07 -5.64 16.13
CA ASP A 140 10.79 -5.26 16.63
C ASP A 140 10.62 -5.92 18.03
N ALA A 141 11.13 -7.14 18.16
CA ALA A 141 11.07 -7.87 19.43
C ALA A 141 11.86 -7.15 20.54
N THR A 142 13.06 -6.69 20.22
CA THR A 142 13.85 -5.92 21.18
C THR A 142 13.12 -4.65 21.59
N ALA A 143 12.55 -3.96 20.62
CA ALA A 143 11.77 -2.76 20.90
C ALA A 143 10.58 -3.07 21.87
N LEU A 144 9.74 -4.03 21.48
CA LEU A 144 8.54 -4.39 22.26
C LEU A 144 8.87 -4.90 23.65
N ALA A 145 10.01 -5.54 23.83
CA ALA A 145 10.38 -6.12 25.12
C ALA A 145 10.87 -5.03 26.11
N SER A 146 11.19 -3.83 25.63
CA SER A 146 11.91 -2.83 26.46
C SER A 146 11.25 -1.51 26.44
N GLY A 147 10.09 -1.39 25.83
CA GLY A 147 9.43 -0.11 25.77
C GLY A 147 10.08 0.95 24.89
N ARG A 148 10.82 0.51 23.88
CA ARG A 148 11.50 1.41 22.98
C ARG A 148 10.83 1.25 21.62
N LEU A 149 11.00 2.26 20.80
CA LEU A 149 10.70 2.14 19.39
C LEU A 149 11.87 1.44 18.71
N LYS A 150 11.61 0.82 17.56
CA LYS A 150 12.68 0.18 16.76
C LYS A 150 13.86 1.18 16.50
N THR A 151 13.52 2.43 16.17
CA THR A 151 14.51 3.46 15.95
C THR A 151 15.43 3.59 17.14
N GLU A 152 14.87 3.68 18.33
CA GLU A 152 15.69 3.83 19.53
C GLU A 152 16.63 2.64 19.76
N VAL A 153 16.18 1.44 19.46
CA VAL A 153 16.99 0.26 19.67
C VAL A 153 18.27 0.39 18.80
N VAL A 154 18.07 0.79 17.56
CA VAL A 154 19.19 0.97 16.68
C VAL A 154 20.13 2.09 17.23
N CYS A 155 19.57 3.24 17.50
CA CYS A 155 20.34 4.32 18.12
C CYS A 155 21.16 3.86 19.34
N ASP A 156 20.53 3.09 20.21
CA ASP A 156 21.17 2.60 21.41
C ASP A 156 22.28 1.63 21.11
N GLU A 157 22.04 0.64 20.25
CA GLU A 157 23.05 -0.40 20.02
C GLU A 157 24.16 0.07 19.13
N TRP A 158 23.93 1.15 18.42
CA TRP A 158 25.01 1.65 17.54
C TRP A 158 25.55 2.97 18.09
N GLN A 159 25.03 3.36 19.25
CA GLN A 159 25.41 4.60 19.91
C GLN A 159 25.30 5.76 18.96
N LEU A 160 24.08 6.06 18.55
CA LEU A 160 23.81 7.16 17.64
C LEU A 160 22.89 8.13 18.36
N PRO A 161 22.97 9.42 18.04
CA PRO A 161 22.16 10.40 18.76
C PRO A 161 20.67 10.40 18.56
N CYS A 162 20.11 9.91 17.47
CA CYS A 162 18.66 9.82 17.45
C CYS A 162 17.99 11.20 17.54
N VAL A 163 18.59 12.18 16.86
CA VAL A 163 17.92 13.46 16.66
C VAL A 163 16.77 13.19 15.64
N PRO A 164 15.55 13.56 15.98
CA PRO A 164 14.36 13.23 15.18
C PRO A 164 14.18 14.17 13.99
N GLU A 165 14.54 13.66 12.83
CA GLU A 165 14.56 14.48 11.64
C GLU A 165 14.14 13.63 10.46
N ALA A 166 13.26 14.17 9.62
CA ALA A 166 12.81 13.54 8.37
C ALA A 166 13.95 13.08 7.48
N ILE A 167 13.70 12.04 6.67
CA ILE A 167 14.63 11.59 5.65
C ILE A 167 13.99 11.96 4.33
N PRO A 168 14.72 12.53 3.39
CA PRO A 168 14.14 12.76 2.07
C PRO A 168 13.65 11.46 1.43
N LEU A 169 12.43 11.52 0.90
CA LEU A 169 11.77 10.38 0.29
C LEU A 169 11.82 10.45 -1.22
N PHE A 170 11.91 9.27 -1.82
CA PHE A 170 12.00 9.15 -3.28
C PHE A 170 10.90 8.26 -3.87
N GLY A 171 10.13 8.80 -4.80
CA GLY A 171 9.01 8.08 -5.41
C GLY A 171 9.36 7.47 -6.74
N GLN A 172 8.85 6.26 -6.98
CA GLN A 172 9.20 5.55 -8.21
C GLN A 172 7.94 5.36 -8.96
N SER A 173 7.99 5.61 -10.24
CA SER A 173 6.79 5.63 -11.02
C SER A 173 6.43 4.35 -11.76
N GLY A 174 7.41 3.46 -11.90
CA GLY A 174 7.32 2.38 -12.87
C GLY A 174 7.16 3.02 -14.28
N ASP A 175 6.39 2.38 -15.17
CA ASP A 175 6.29 2.90 -16.55
C ASP A 175 5.29 4.05 -16.63
N ASP A 176 4.53 4.24 -15.56
CA ASP A 176 3.49 5.25 -15.52
C ASP A 176 4.22 6.61 -15.27
N ARG A 177 5.22 6.94 -16.09
CA ARG A 177 6.10 8.07 -15.77
C ARG A 177 5.54 9.47 -15.99
N TYR A 178 4.30 9.59 -16.45
CA TYR A 178 3.69 10.92 -16.59
C TYR A 178 2.63 11.14 -15.50
N ILE A 179 1.68 10.23 -15.40
CA ILE A 179 0.62 10.31 -14.44
C ILE A 179 1.20 10.31 -13.00
N ALA A 180 2.21 9.49 -12.76
CA ALA A 180 2.75 9.35 -11.39
C ALA A 180 3.51 10.61 -11.01
N VAL A 181 4.03 11.32 -12.01
CA VAL A 181 4.78 12.54 -11.70
C VAL A 181 3.76 13.54 -11.13
N ASP A 182 2.59 13.57 -11.72
CA ASP A 182 1.53 14.46 -11.22
C ASP A 182 1.16 14.12 -9.75
N LYS A 183 0.81 12.85 -9.51
CA LYS A 183 0.60 12.33 -8.16
C LYS A 183 1.70 12.82 -7.23
N MSE A 184 2.96 12.61 -7.62
CA MSE A 184 4.13 13.02 -6.75
C MSE A 184 4.21 14.57 -6.51
O MSE A 184 4.50 15.01 -5.39
CB MSE A 184 5.44 12.43 -7.20
CG MSE A 184 5.44 10.89 -7.13
SE MSE A 184 7.11 10.24 -7.89
CE MSE A 184 6.56 9.79 -8.79
N ILE A 185 3.94 15.39 -7.53
CA ILE A 185 3.85 16.84 -7.28
C ILE A 185 2.68 17.14 -6.31
N LEU A 186 1.48 16.59 -6.55
CA LEU A 186 0.35 16.83 -5.63
C LEU A 186 0.67 16.48 -4.15
N LYS A 187 1.57 15.53 -3.92
CA LYS A 187 1.88 15.10 -2.56
C LYS A 187 3.27 15.52 -2.11
N GLY A 188 3.85 16.53 -2.78
CA GLY A 188 5.03 17.15 -2.22
C GLY A 188 6.27 16.33 -2.17
N VAL A 189 6.42 15.37 -3.08
CA VAL A 189 7.47 14.36 -2.89
C VAL A 189 8.83 15.04 -3.03
N ASP A 190 9.76 14.67 -2.16
CA ASP A 190 11.05 15.33 -2.09
C ASP A 190 11.97 15.01 -3.29
N VAL A 191 11.91 13.74 -3.71
CA VAL A 191 12.74 13.20 -4.78
C VAL A 191 11.87 12.36 -5.73
N LEU A 192 12.10 12.51 -7.02
CA LEU A 192 11.29 11.84 -8.02
C LEU A 192 11.94 11.84 -9.39
N PRO A 193 11.47 11.01 -10.32
CA PRO A 193 10.44 9.99 -10.10
C PRO A 193 10.82 8.56 -10.55
N HIS A 194 12.11 8.26 -10.62
CA HIS A 194 12.65 6.99 -11.12
C HIS A 194 12.51 6.85 -12.63
N ALA A 195 11.27 6.87 -13.10
CA ALA A 195 10.88 6.86 -14.51
C ALA A 195 11.09 5.58 -15.29
N LEU A 196 11.72 4.57 -14.69
CA LEU A 196 11.84 3.27 -15.34
C LEU A 196 12.32 3.40 -16.80
N ILE A 197 13.46 4.07 -16.98
CA ILE A 197 14.01 4.31 -18.30
C ILE A 197 14.85 3.06 -18.63
N ASN A 198 14.18 1.98 -19.05
CA ASN A 198 14.84 0.66 -19.12
C ASN A 198 14.89 -0.02 -20.49
N ASN A 199 14.60 0.73 -21.54
CA ASN A 199 14.62 0.27 -22.92
C ASN A 199 15.26 1.39 -23.76
N VAL A 200 16.19 0.99 -24.64
CA VAL A 200 16.92 1.95 -25.45
C VAL A 200 16.09 2.66 -26.51
N GLU A 201 15.43 1.88 -27.34
CA GLU A 201 14.66 2.44 -28.44
C GLU A 201 13.51 3.29 -27.95
N GLU A 202 12.73 2.76 -27.02
CA GLU A 202 11.49 3.41 -26.64
C GLU A 202 11.52 4.40 -25.43
N LYS A 203 12.56 4.36 -24.61
CA LYS A 203 12.60 5.18 -23.38
C LYS A 203 13.78 6.12 -23.32
N LEU A 204 15.00 5.61 -23.51
CA LEU A 204 16.20 6.47 -23.56
C LEU A 204 16.28 7.27 -24.88
N GLY A 205 15.94 6.55 -25.95
CA GLY A 205 16.19 6.95 -27.33
C GLY A 205 17.60 6.52 -27.76
N PHE A 206 17.74 6.11 -29.03
CA PHE A 206 19.01 5.58 -29.52
C PHE A 206 20.18 6.55 -29.43
N LYS A 207 19.87 7.84 -29.47
CA LYS A 207 20.90 8.83 -29.20
C LYS A 207 20.62 9.64 -27.88
N GLY A 208 19.75 9.15 -26.99
CA GLY A 208 19.41 9.84 -25.73
C GLY A 208 18.44 10.98 -25.79
N GLU A 209 17.84 11.24 -26.95
CA GLU A 209 16.98 12.39 -27.08
C GLU A 209 15.65 12.15 -26.43
N LYS A 210 15.24 10.90 -26.34
CA LYS A 210 13.99 10.65 -25.66
C LYS A 210 14.10 11.00 -24.15
N LEU A 211 15.22 10.63 -23.52
CA LEU A 211 15.39 10.90 -22.10
C LEU A 211 15.48 12.42 -21.98
N ARG A 212 16.15 13.04 -22.94
CA ARG A 212 16.35 14.48 -22.83
C ARG A 212 15.03 15.21 -22.74
N GLU A 213 14.14 14.87 -23.66
CA GLU A 213 12.82 15.42 -23.70
C GLU A 213 12.02 15.02 -22.47
N TYR A 214 12.28 13.81 -21.95
CA TYR A 214 11.57 13.43 -20.75
C TYR A 214 12.00 14.33 -19.58
N VAL A 215 13.28 14.59 -19.41
CA VAL A 215 13.67 15.43 -18.29
C VAL A 215 13.04 16.86 -18.40
N ARG A 216 12.87 17.35 -19.63
CA ARG A 216 12.34 18.71 -19.85
C ARG A 216 10.86 18.77 -19.50
N TRP A 217 10.18 17.71 -19.85
CA TRP A 217 8.78 17.66 -19.59
C TRP A 217 8.57 17.60 -18.09
N LEU A 218 9.43 16.82 -17.43
CA LEU A 218 9.37 16.58 -15.99
C LEU A 218 9.58 17.89 -15.22
N SER A 219 10.69 18.59 -15.49
CA SER A 219 10.93 19.89 -14.87
C SER A 219 9.77 20.86 -15.22
N ASP A 220 9.34 20.93 -16.49
CA ASP A 220 8.20 21.83 -16.83
C ASP A 220 6.98 21.46 -16.01
N ARG A 221 6.74 20.17 -15.84
CA ARG A 221 5.56 19.71 -15.13
C ARG A 221 5.63 20.16 -13.68
N ILE A 222 6.80 20.00 -13.06
CA ILE A 222 7.03 20.43 -11.67
C ILE A 222 6.81 21.92 -11.48
N LEU A 223 7.49 22.72 -12.29
CA LEU A 223 7.40 24.19 -12.16
C LEU A 223 6.02 24.72 -12.38
N SER A 224 5.35 24.10 -13.34
CA SER A 224 4.01 24.50 -13.72
C SER A 224 2.99 24.08 -12.70
N LEU A 225 2.95 22.79 -12.36
CA LEU A 225 1.99 22.33 -11.35
C LEU A 225 2.21 22.71 -9.90
N ARG A 226 3.42 23.08 -9.49
CA ARG A 226 3.64 23.31 -8.06
C ARG A 226 2.79 24.47 -7.56
N SER A 227 2.32 24.37 -6.30
CA SER A 227 1.59 25.46 -5.63
C SER A 227 2.50 26.68 -5.39
N SER A 228 3.76 26.45 -5.00
CA SER A 228 4.72 27.55 -4.80
C SER A 228 6.13 27.15 -5.21
N PRO A 229 7.01 28.14 -5.39
CA PRO A 229 8.41 27.94 -5.77
C PRO A 229 9.22 27.45 -4.63
N ARG A 230 8.55 27.34 -3.51
CA ARG A 230 9.19 26.73 -2.38
C ARG A 230 9.35 25.20 -2.71
N TYR A 231 8.47 24.61 -3.52
CA TYR A 231 8.66 23.18 -3.93
C TYR A 231 9.80 23.05 -4.97
N HIS A 232 10.94 22.50 -4.53
CA HIS A 232 12.15 22.47 -5.31
C HIS A 232 12.76 21.09 -5.09
N PRO A 233 12.12 20.09 -5.64
CA PRO A 233 12.62 18.73 -5.49
C PRO A 233 13.75 18.37 -6.40
N THR A 234 14.30 17.22 -6.04
CA THR A 234 15.41 16.64 -6.79
C THR A 234 14.89 15.63 -7.77
N LEU A 235 15.55 15.57 -8.92
CA LEU A 235 15.19 14.61 -9.95
C LEU A 235 16.17 13.43 -9.85
N HIS A 236 15.61 12.21 -9.88
CA HIS A 236 16.33 10.93 -9.74
C HIS A 236 15.68 9.95 -10.75
N ILE A 237 16.46 9.54 -11.75
CA ILE A 237 15.99 8.78 -12.87
C ILE A 237 16.91 7.59 -13.10
N ASP A 238 16.32 6.40 -13.13
CA ASP A 238 17.06 5.17 -13.28
C ASP A 238 17.05 4.74 -14.71
N VAL A 239 18.24 4.59 -15.28
CA VAL A 239 18.36 4.24 -16.71
C VAL A 239 18.76 2.78 -17.01
N TYR A 240 18.89 1.98 -15.94
CA TYR A 240 18.98 0.54 -16.07
C TYR A 240 20.04 0.17 -17.12
N GLY A 241 21.11 0.95 -17.12
CA GLY A 241 22.26 0.63 -17.92
C GLY A 241 22.25 1.11 -19.35
N THR A 242 21.12 1.63 -19.83
CA THR A 242 20.97 1.89 -21.25
C THR A 242 21.92 2.94 -21.85
N ILE A 243 22.46 3.84 -21.03
CA ILE A 243 23.31 4.91 -21.56
C ILE A 243 24.63 4.34 -22.07
N GLY A 244 25.25 3.45 -21.33
CA GLY A 244 26.40 2.77 -21.91
C GLY A 244 26.12 2.09 -23.27
N LEU A 245 24.95 1.48 -23.41
CA LEU A 245 24.65 0.78 -24.64
C LEU A 245 24.58 1.71 -25.85
N ILE A 246 24.30 2.99 -25.68
CA ILE A 246 24.27 3.83 -26.87
C ILE A 246 25.56 4.59 -27.12
N PHE A 247 26.55 4.48 -26.23
CA PHE A 247 27.82 5.20 -26.39
C PHE A 247 28.99 4.22 -26.28
N ASP A 248 28.82 3.07 -26.96
CA ASP A 248 29.87 2.06 -27.10
C ASP A 248 30.60 1.81 -25.76
N MSE A 249 29.87 1.96 -24.65
CA MSE A 249 30.39 1.75 -23.29
C MSE A 249 31.62 2.59 -23.00
O MSE A 249 32.46 2.18 -22.26
CB MSE A 249 30.71 0.29 -23.06
CG MSE A 249 29.56 -0.52 -23.49
SE MSE A 249 28.20 -0.48 -22.13
CE MSE A 249 29.19 -1.12 -20.59
N ASP A 250 31.66 3.76 -23.62
CA ASP A 250 32.77 4.67 -23.48
C ASP A 250 32.35 5.61 -22.31
N PRO A 251 33.00 5.52 -21.15
CA PRO A 251 32.58 6.36 -20.02
C PRO A 251 32.71 7.87 -20.28
N VAL A 252 33.58 8.30 -21.19
CA VAL A 252 33.70 9.74 -21.42
C VAL A 252 32.46 10.20 -22.14
N ARG A 253 32.04 9.41 -23.11
CA ARG A 253 30.91 9.85 -23.87
C ARG A 253 29.69 9.75 -23.01
N CYS A 254 29.66 8.79 -22.11
CA CYS A 254 28.49 8.63 -21.26
C CYS A 254 28.39 9.90 -20.43
N ALA A 255 29.52 10.28 -19.85
CA ALA A 255 29.57 11.47 -18.99
C ALA A 255 29.07 12.67 -19.75
N GLU A 256 29.53 12.76 -20.98
CA GLU A 256 29.21 13.91 -21.75
C GLU A 256 27.71 14.03 -21.93
N TYR A 257 27.07 12.92 -22.25
CA TYR A 257 25.63 12.99 -22.46
C TYR A 257 24.93 13.34 -21.14
N ILE A 258 25.34 12.65 -20.08
CA ILE A 258 24.79 12.89 -18.75
C ILE A 258 24.82 14.42 -18.40
N ALA A 259 25.96 15.05 -18.58
CA ALA A 259 26.10 16.47 -18.23
C ALA A 259 25.16 17.31 -19.00
N SER A 260 24.85 16.87 -20.21
CA SER A 260 24.07 17.64 -21.13
C SER A 260 22.63 17.65 -20.66
N LEU A 261 22.35 16.79 -19.71
CA LEU A 261 21.00 16.67 -19.20
C LEU A 261 20.66 17.76 -18.15
N GLU A 262 21.69 18.25 -17.49
CA GLU A 262 21.49 19.24 -16.44
C GLU A 262 20.58 20.40 -16.87
N LYS A 263 20.81 20.92 -18.07
CA LYS A 263 20.04 22.08 -18.54
C LYS A 263 18.57 21.82 -18.50
N GLU A 264 18.21 20.58 -18.80
CA GLU A 264 16.81 20.30 -18.97
C GLU A 264 16.05 20.23 -17.68
N ALA A 265 16.82 20.16 -16.61
CA ALA A 265 16.33 20.04 -15.25
C ALA A 265 15.91 21.41 -14.67
N GLN A 266 16.34 22.50 -15.32
CA GLN A 266 15.96 23.88 -14.92
C GLN A 266 16.22 24.23 -13.48
N GLY A 267 17.45 24.01 -13.03
CA GLY A 267 17.77 24.31 -11.65
C GLY A 267 17.47 23.18 -10.65
N LEU A 268 16.71 22.15 -11.04
CA LEU A 268 16.44 21.07 -10.08
C LEU A 268 17.64 20.16 -10.08
N PRO A 269 18.20 19.84 -8.94
CA PRO A 269 19.33 18.94 -8.97
C PRO A 269 18.93 17.64 -9.67
N LEU A 270 19.92 17.00 -10.30
CA LEU A 270 19.70 15.79 -11.08
C LEU A 270 20.62 14.64 -10.70
N TYR A 271 20.02 13.46 -10.63
CA TYR A 271 20.70 12.20 -10.32
C TYR A 271 20.31 11.16 -11.39
N ILE A 272 21.32 10.44 -11.87
CA ILE A 272 21.11 9.42 -12.88
C ILE A 272 21.63 8.11 -12.24
N GLU A 273 20.72 7.17 -12.08
CA GLU A 273 21.04 5.89 -11.46
C GLU A 273 21.28 4.88 -12.57
N GLY A 274 22.28 4.06 -12.34
CA GLY A 274 22.63 2.91 -13.16
C GLY A 274 22.97 3.22 -14.59
N PRO A 275 23.84 4.18 -14.78
CA PRO A 275 24.12 4.65 -16.12
C PRO A 275 24.64 3.56 -17.06
N VAL A 276 25.49 2.67 -16.54
CA VAL A 276 26.04 1.58 -17.35
C VAL A 276 25.89 0.30 -16.53
N ASP A 277 26.11 -0.83 -17.18
CA ASP A 277 26.14 -2.15 -16.54
C ASP A 277 27.24 -2.90 -17.30
N ALA A 278 28.45 -2.85 -16.76
CA ALA A 278 29.64 -3.48 -17.31
C ALA A 278 29.60 -5.04 -17.15
N GLY A 279 28.64 -5.59 -16.43
CA GLY A 279 28.45 -7.04 -16.32
C GLY A 279 29.17 -7.92 -15.30
N ASN A 280 29.80 -7.33 -14.30
CA ASN A 280 30.56 -8.02 -13.24
C ASN A 280 30.91 -6.85 -12.25
N LYS A 281 31.17 -7.14 -10.99
CA LYS A 281 31.45 -6.11 -10.00
C LYS A 281 32.70 -5.26 -10.35
N PRO A 282 33.89 -5.85 -10.52
CA PRO A 282 35.10 -5.04 -10.73
C PRO A 282 34.99 -4.10 -11.88
N ASP A 283 34.39 -4.52 -12.99
CA ASP A 283 34.33 -3.60 -14.11
C ASP A 283 33.30 -2.53 -13.87
N GLN A 284 32.24 -2.86 -13.14
CA GLN A 284 31.20 -1.86 -12.84
C GLN A 284 31.84 -0.72 -12.04
N ILE A 285 32.53 -1.07 -10.95
CA ILE A 285 33.28 -0.06 -10.16
C ILE A 285 34.15 0.82 -11.00
N ARG A 286 34.98 0.22 -11.83
CA ARG A 286 35.86 1.04 -12.71
C ARG A 286 35.09 1.91 -13.68
N MSE A 287 34.01 1.42 -14.26
CA MSE A 287 33.36 2.31 -15.21
C MSE A 287 32.69 3.48 -14.51
O MSE A 287 32.72 4.58 -14.99
CB MSE A 287 32.31 1.66 -16.05
CG MSE A 287 32.09 2.61 -17.23
SE MSE A 287 32.80 1.54 -18.59
CE MSE A 287 30.94 1.00 -18.77
N LEU A 288 32.03 3.19 -13.40
CA LEU A 288 31.40 4.30 -12.67
C LEU A 288 32.47 5.34 -12.30
N THR A 289 33.59 4.87 -11.79
CA THR A 289 34.69 5.80 -11.49
C THR A 289 35.05 6.67 -12.67
N ALA A 290 35.30 6.05 -13.82
CA ALA A 290 35.66 6.85 -15.00
C ALA A 290 34.55 7.82 -15.38
N ILE A 291 33.28 7.42 -15.30
CA ILE A 291 32.23 8.39 -15.62
C ILE A 291 32.23 9.62 -14.63
N THR A 292 32.43 9.36 -13.34
CA THR A 292 32.39 10.38 -12.30
C THR A 292 33.56 11.42 -12.58
N LYS A 293 34.78 10.89 -12.80
CA LYS A 293 35.97 11.71 -13.17
C LYS A 293 35.72 12.70 -14.33
N GLU A 294 35.08 12.21 -15.39
CA GLU A 294 34.76 13.06 -16.53
C GLU A 294 33.70 14.14 -16.17
N LEU A 295 32.62 13.78 -15.45
CA LEU A 295 31.59 14.75 -14.96
C LEU A 295 32.22 15.89 -14.18
N THR A 296 33.15 15.54 -13.29
CA THR A 296 33.91 16.52 -12.55
C THR A 296 34.69 17.39 -13.52
N ARG A 297 35.46 16.73 -14.40
CA ARG A 297 36.22 17.44 -15.40
C ARG A 297 35.35 18.40 -16.17
N LEU A 298 34.09 18.06 -16.35
CA LEU A 298 33.26 18.95 -17.11
C LEU A 298 32.67 20.03 -16.25
N GLY A 299 32.93 19.98 -14.94
CA GLY A 299 32.24 20.85 -13.99
C GLY A 299 30.74 20.55 -13.94
N SER A 300 30.38 19.30 -14.16
CA SER A 300 28.96 18.97 -14.13
C SER A 300 28.49 18.96 -12.73
N GLY A 301 27.26 19.41 -12.60
CA GLY A 301 26.52 19.29 -11.34
C GLY A 301 25.65 17.99 -11.22
N VAL A 302 25.62 17.20 -12.29
CA VAL A 302 24.77 16.01 -12.33
C VAL A 302 25.44 14.90 -11.55
N LYS A 303 24.71 14.13 -10.75
CA LYS A 303 25.37 13.05 -9.99
C LYS A 303 24.93 11.66 -10.50
N ILE A 304 25.74 10.67 -10.20
CA ILE A 304 25.37 9.32 -10.57
C ILE A 304 25.30 8.41 -9.36
N VAL A 305 24.43 7.42 -9.52
CA VAL A 305 24.10 6.45 -8.51
C VAL A 305 24.35 4.99 -8.93
N ALA A 306 25.13 4.26 -8.15
CA ALA A 306 25.32 2.81 -8.33
C ALA A 306 24.11 2.04 -7.87
N ASP A 307 23.81 0.91 -8.52
CA ASP A 307 22.81 0.01 -7.98
C ASP A 307 23.21 -1.42 -8.31
N GLU A 308 23.06 -1.83 -9.57
CA GLU A 308 23.44 -3.19 -9.98
C GLU A 308 24.89 -3.47 -9.65
N TRP A 309 25.15 -4.64 -9.07
CA TRP A 309 26.48 -5.12 -8.67
C TRP A 309 26.90 -4.58 -7.30
N CYS A 310 26.05 -3.74 -6.72
CA CYS A 310 26.30 -3.16 -5.42
C CYS A 310 25.29 -3.70 -4.44
N ASN A 311 25.48 -4.94 -3.97
CA ASN A 311 24.39 -5.62 -3.27
C ASN A 311 24.50 -5.75 -1.74
N THR A 312 25.62 -6.31 -1.32
CA THR A 312 25.87 -6.55 0.08
C THR A 312 26.62 -5.41 0.76
N TYR A 313 26.72 -5.52 2.07
CA TYR A 313 27.42 -4.54 2.87
C TYR A 313 28.85 -4.39 2.28
N GLN A 314 29.50 -5.52 2.00
CA GLN A 314 30.87 -5.48 1.50
C GLN A 314 30.87 -4.84 0.12
N ASP A 315 29.86 -5.08 -0.70
CA ASP A 315 29.94 -4.44 -1.99
C ASP A 315 29.90 -2.93 -1.74
N ILE A 316 29.07 -2.50 -0.78
CA ILE A 316 28.82 -1.08 -0.60
C ILE A 316 30.14 -0.49 -0.15
N VAL A 317 30.82 -1.19 0.74
CA VAL A 317 32.17 -0.78 1.12
C VAL A 317 33.11 -0.59 -0.10
N ASP A 318 33.05 -1.54 -1.03
CA ASP A 318 33.93 -1.52 -2.18
C ASP A 318 33.61 -0.40 -3.10
N PHE A 319 32.34 -0.15 -3.39
CA PHE A 319 32.08 0.93 -4.30
C PHE A 319 32.50 2.23 -3.63
N THR A 320 32.32 2.30 -2.33
CA THR A 320 32.60 3.52 -1.62
C THR A 320 34.09 3.81 -1.60
N ASP A 321 34.84 2.82 -1.16
CA ASP A 321 36.29 2.89 -1.05
C ASP A 321 36.91 3.31 -2.34
N ALA A 322 36.30 2.98 -3.48
CA ALA A 322 36.88 3.33 -4.78
C ALA A 322 36.57 4.74 -5.25
N GLY A 323 35.67 5.43 -4.56
CA GLY A 323 35.23 6.75 -4.99
C GLY A 323 34.45 6.72 -6.30
N SER A 324 33.69 5.66 -6.48
CA SER A 324 33.14 5.33 -7.82
C SER A 324 32.01 6.16 -8.34
N CYS A 325 31.29 6.84 -7.44
CA CYS A 325 30.08 7.54 -7.80
C CYS A 325 29.66 8.36 -6.59
N HIS A 326 28.65 9.20 -6.74
CA HIS A 326 28.22 10.11 -5.67
C HIS A 326 27.25 9.52 -4.63
N MSE A 327 26.50 8.50 -5.06
CA MSE A 327 25.49 7.82 -4.23
C MSE A 327 25.42 6.32 -4.60
O MSE A 327 25.65 5.95 -5.74
CB MSE A 327 24.10 8.48 -4.50
CG MSE A 327 22.88 8.01 -3.65
SE MSE A 327 21.38 8.87 -4.32
CE MSE A 327 20.96 9.41 -3.26
N VAL A 328 25.09 5.45 -3.64
CA VAL A 328 24.93 4.03 -3.91
C VAL A 328 23.58 3.59 -3.36
N GLN A 329 22.86 2.77 -4.12
CA GLN A 329 21.62 2.23 -3.60
C GLN A 329 21.87 1.02 -2.72
N ILE A 330 21.49 1.15 -1.46
CA ILE A 330 21.52 0.08 -0.49
C ILE A 330 20.14 -0.56 -0.67
N LYS A 331 20.08 -1.62 -1.46
CA LYS A 331 18.80 -2.20 -1.83
C LYS A 331 18.46 -3.19 -0.70
N THR A 332 17.73 -2.69 0.31
CA THR A 332 17.59 -3.37 1.61
C THR A 332 17.45 -4.90 1.61
N PRO A 333 16.58 -5.51 0.81
CA PRO A 333 16.39 -6.92 0.98
C PRO A 333 17.62 -7.71 0.60
N ASP A 334 18.46 -7.16 -0.29
CA ASP A 334 19.60 -7.95 -0.73
C ASP A 334 20.69 -7.93 0.33
N LEU A 335 20.61 -7.10 1.36
CA LEU A 335 21.66 -7.12 2.36
C LEU A 335 21.47 -8.23 3.34
N GLY A 336 20.33 -8.91 3.29
CA GLY A 336 20.04 -9.89 4.34
C GLY A 336 19.47 -9.24 5.62
N GLY A 337 20.06 -9.56 6.78
CA GLY A 337 19.76 -8.94 8.07
C GLY A 337 19.87 -7.42 8.10
N ILE A 338 18.89 -6.76 8.70
CA ILE A 338 18.86 -5.30 8.55
C ILE A 338 19.97 -4.57 9.32
N HIS A 339 20.63 -5.26 10.25
CA HIS A 339 21.79 -4.64 10.90
C HIS A 339 22.79 -4.22 9.83
N ASN A 340 22.85 -5.01 8.76
CA ASN A 340 23.70 -4.73 7.59
C ASN A 340 23.36 -3.38 6.92
N ILE A 341 22.07 -3.01 6.93
CA ILE A 341 21.66 -1.70 6.39
C ILE A 341 22.31 -0.60 7.26
N VAL A 342 22.16 -0.70 8.58
CA VAL A 342 22.68 0.30 9.48
C VAL A 342 24.18 0.41 9.25
N ASP A 343 24.85 -0.72 9.30
CA ASP A 343 26.29 -0.69 9.08
C ASP A 343 26.71 0.03 7.79
N ALA A 344 25.98 -0.23 6.72
CA ALA A 344 26.26 0.31 5.40
C ALA A 344 25.98 1.79 5.29
N VAL A 345 24.88 2.27 5.86
CA VAL A 345 24.60 3.71 5.86
C VAL A 345 25.68 4.50 6.67
N LEU A 346 26.13 3.98 7.83
CA LEU A 346 27.11 4.64 8.69
C LEU A 346 28.47 4.72 7.96
N TYR A 347 28.87 3.63 7.30
CA TYR A 347 30.12 3.55 6.51
C TYR A 347 30.07 4.57 5.40
N CYS A 348 28.95 4.64 4.68
CA CYS A 348 28.85 5.65 3.68
C CYS A 348 28.99 7.04 4.28
N ASN A 349 28.26 7.30 5.37
CA ASN A 349 28.24 8.62 5.97
C ASN A 349 29.65 9.06 6.50
N LYS A 350 30.39 8.10 7.03
CA LYS A 350 31.73 8.34 7.55
C LYS A 350 32.77 8.68 6.48
N HIS A 351 32.60 8.07 5.33
CA HIS A 351 33.55 8.12 4.27
C HIS A 351 33.05 9.08 3.15
N GLY A 352 32.06 9.95 3.32
CA GLY A 352 31.71 10.78 2.16
C GLY A 352 30.74 10.28 1.08
N MSE A 353 30.28 9.03 1.12
CA MSE A 353 29.33 8.51 0.12
C MSE A 353 27.89 8.86 0.50
O MSE A 353 27.51 8.69 1.65
CB MSE A 353 29.50 6.96 -0.04
CG MSE A 353 28.64 6.27 -1.10
SE MSE A 353 28.71 6.95 -2.79
CE MSE A 353 30.14 5.98 -3.04
N GLU A 354 27.08 9.37 -0.43
CA GLU A 354 25.68 9.58 -0.14
C GLU A 354 25.02 8.18 -0.14
N ALA A 355 24.30 7.86 0.92
CA ALA A 355 23.55 6.59 1.05
C ALA A 355 22.09 6.75 0.72
N TYR A 356 21.60 5.97 -0.23
CA TYR A 356 20.23 5.92 -0.64
C TYR A 356 19.73 4.57 -0.16
N GLN A 357 18.86 4.62 0.86
CA GLN A 357 18.33 3.42 1.46
C GLN A 357 17.11 3.10 0.57
N GLY A 358 17.30 2.20 -0.40
CA GLY A 358 16.25 1.95 -1.40
C GLY A 358 15.49 0.69 -1.00
N GLY A 359 15.43 -0.28 -1.90
CA GLY A 359 14.57 -1.43 -1.71
C GLY A 359 13.85 -1.81 -2.98
N THR A 360 12.64 -2.36 -2.81
CA THR A 360 11.86 -2.86 -3.96
C THR A 360 10.38 -2.64 -3.85
N CYS A 361 9.74 -2.49 -5.00
CA CYS A 361 8.30 -2.43 -5.03
C CYS A 361 7.76 -3.76 -4.55
N ASN A 362 8.58 -4.79 -4.54
CA ASN A 362 8.11 -6.14 -4.25
C ASN A 362 8.24 -6.58 -2.82
N GLU A 363 8.38 -5.63 -1.88
CA GLU A 363 8.43 -5.98 -0.45
C GLU A 363 7.08 -5.66 0.21
N THR A 364 7.02 -5.40 1.52
CA THR A 364 5.71 -5.26 2.16
C THR A 364 5.54 -4.02 2.98
N GLU A 365 4.33 -3.85 3.50
CA GLU A 365 4.03 -2.79 4.47
C GLU A 365 4.92 -2.91 5.71
N ILE A 366 5.06 -4.11 6.28
CA ILE A 366 5.98 -4.35 7.42
C ILE A 366 7.45 -4.10 7.19
N SER A 367 8.03 -4.62 6.10
CA SER A 367 9.42 -4.40 5.81
C SER A 367 9.71 -2.90 5.56
N ALA A 368 8.81 -2.22 4.84
CA ALA A 368 8.99 -0.81 4.62
C ALA A 368 8.90 -0.06 5.93
N ARG A 369 7.90 -0.38 6.75
CA ARG A 369 7.74 0.33 8.00
C ARG A 369 8.97 0.12 8.88
N THR A 370 9.53 -1.09 8.87
CA THR A 370 10.74 -1.35 9.64
C THR A 370 11.89 -0.55 9.10
N CYS A 371 12.06 -0.50 7.77
CA CYS A 371 13.11 0.31 7.15
C CYS A 371 13.03 1.80 7.56
N VAL A 372 11.83 2.30 7.83
CA VAL A 372 11.66 3.72 8.25
C VAL A 372 12.48 3.98 9.58
N HIS A 373 12.45 3.01 10.48
CA HIS A 373 13.14 3.09 11.79
C HIS A 373 14.64 3.03 11.61
N VAL A 374 15.05 2.14 10.73
CA VAL A 374 16.42 2.00 10.34
C VAL A 374 16.95 3.32 9.80
N ALA A 375 16.13 4.01 9.01
CA ALA A 375 16.58 5.25 8.38
C ALA A 375 16.61 6.38 9.39
N LEU A 376 15.54 6.53 10.17
CA LEU A 376 15.51 7.59 11.16
C LEU A 376 16.75 7.47 12.06
N ALA A 377 17.20 6.25 12.34
CA ALA A 377 18.44 6.05 13.13
C ALA A 377 19.78 6.38 12.47
N ALA A 378 19.99 5.78 11.29
CA ALA A 378 21.25 5.77 10.58
C ALA A 378 21.53 6.99 9.73
N ARG A 379 20.49 7.66 9.28
CA ARG A 379 20.52 8.90 8.55
C ARG A 379 21.06 8.80 7.12
N PRO A 380 20.41 8.02 6.29
CA PRO A 380 20.80 8.01 4.88
C PRO A 380 20.34 9.33 4.31
N MSE A 381 20.78 9.66 3.13
CA MSE A 381 20.40 10.93 2.50
C MSE A 381 19.08 10.84 1.72
O MSE A 381 18.43 11.87 1.40
CB MSE A 381 21.57 11.34 1.59
CG MSE A 381 22.62 12.63 2.10
SE MSE A 381 21.62 13.90 1.05
CE MSE A 381 22.71 13.68 -0.30
N ARG A 382 18.64 9.61 1.47
CA ARG A 382 17.47 9.33 0.65
C ARG A 382 16.93 7.97 1.01
N MSE A 383 15.61 7.83 0.96
CA MSE A 383 14.87 6.58 1.21
C MSE A 383 13.78 6.43 0.13
O MSE A 383 12.98 7.33 -0.14
CB MSE A 383 14.22 6.56 2.62
CG MSE A 383 13.41 5.30 2.95
SE MSE A 383 13.01 5.21 4.76
CE MSE A 383 13.64 4.37 4.92
N LEU A 384 13.75 5.23 -0.44
CA LEU A 384 12.69 4.80 -1.38
C LEU A 384 11.37 4.70 -0.70
N ILE A 385 10.39 5.31 -1.35
CA ILE A 385 9.01 5.09 -1.01
C ILE A 385 8.63 3.68 -1.51
N LYS A 386 8.11 2.86 -0.60
CA LYS A 386 7.81 1.49 -0.97
C LYS A 386 6.89 0.87 0.06
N PRO A 387 6.36 -0.31 -0.24
CA PRO A 387 6.51 -1.06 -1.48
C PRO A 387 5.42 -0.64 -2.46
N GLY A 388 5.27 -1.40 -3.55
CA GLY A 388 4.19 -1.25 -4.52
C GLY A 388 4.55 -0.34 -5.69
N MSE A 389 3.79 -0.43 -6.77
CA MSE A 389 4.02 0.46 -7.92
C MSE A 389 2.91 1.51 -8.03
O MSE A 389 2.96 2.38 -8.93
CB MSE A 389 4.18 -0.29 -9.21
CG MSE A 389 5.52 -1.00 -9.32
SE MSE A 389 6.82 0.44 -9.58
CE MSE A 389 7.93 -0.28 -9.47
N GLY A 390 1.97 1.50 -7.07
CA GLY A 390 0.91 2.48 -7.02
C GLY A 390 1.37 3.85 -6.55
N PHE A 391 2.53 3.89 -5.87
CA PHE A 391 3.10 5.09 -5.20
C PHE A 391 2.30 5.62 -3.99
N ASP A 392 1.02 5.87 -4.16
CA ASP A 392 0.26 6.46 -3.07
C ASP A 392 0.37 5.63 -1.79
N GLU A 393 0.14 4.32 -1.92
CA GLU A 393 0.21 3.38 -0.79
C GLU A 393 1.58 3.42 -0.13
N GLY A 394 2.64 3.32 -0.92
CA GLY A 394 4.00 3.45 -0.41
C GLY A 394 4.24 4.72 0.37
N LEU A 395 3.69 5.83 -0.13
CA LEU A 395 3.97 7.11 0.53
C LEU A 395 3.24 7.12 1.88
N ASN A 396 2.00 6.68 1.81
CA ASN A 396 1.21 6.51 3.00
C ASN A 396 1.93 5.72 4.10
N ILE A 397 2.46 4.54 3.73
CA ILE A 397 3.23 3.64 4.61
C ILE A 397 4.52 4.32 5.16
N VAL A 398 5.39 4.87 4.29
CA VAL A 398 6.70 5.38 4.69
C VAL A 398 6.57 6.74 5.35
N PHE A 399 5.89 7.65 4.67
CA PHE A 399 5.76 9.02 5.16
C PHE A 399 5.06 9.08 6.54
N ASN A 400 3.90 8.46 6.66
CA ASN A 400 3.14 8.53 7.90
C ASN A 400 3.85 7.78 9.06
N GLU A 401 4.52 6.67 8.79
CA GLU A 401 5.25 5.99 9.87
C GLU A 401 6.43 6.91 10.38
N MSE A 402 7.06 7.57 9.43
CA MSE A 402 8.17 8.48 9.70
C MSE A 402 7.69 9.59 10.59
O MSE A 402 8.25 9.83 11.69
CB MSE A 402 8.74 9.02 8.37
CG MSE A 402 9.94 10.03 8.49
SE MSE A 402 10.78 10.43 6.87
CE MSE A 402 9.81 11.27 6.33
N ASN A 403 6.64 10.26 10.17
CA ASN A 403 6.11 11.38 10.93
C ASN A 403 5.50 10.94 12.30
N ARG A 404 4.86 9.78 12.37
CA ARG A 404 4.35 9.28 13.65
C ARG A 404 5.52 9.06 14.58
N THR A 405 6.63 8.64 14.00
CA THR A 405 7.71 8.14 14.80
C THR A 405 8.47 9.32 15.34
N ILE A 406 8.57 10.36 14.52
CA ILE A 406 9.26 11.59 14.88
C ILE A 406 8.47 12.21 16.03
N ALA A 407 7.15 12.25 15.91
CA ALA A 407 6.34 12.77 17.01
C ALA A 407 6.54 11.99 18.28
N LEU A 408 6.56 10.64 18.22
CA LEU A 408 6.71 9.88 19.43
C LEU A 408 8.07 10.25 20.04
N LEU A 409 9.11 10.27 19.22
CA LEU A 409 10.42 10.58 19.73
C LEU A 409 10.51 11.96 20.40
N GLN A 410 9.74 12.91 19.93
CA GLN A 410 9.86 14.31 20.39
C GLN A 410 9.23 14.49 21.76
N THR A 411 8.51 13.47 22.17
CA THR A 411 7.80 13.37 23.41
C THR A 411 8.67 13.28 24.69
N MSE B 1 -6.25 0.44 33.02
CA MSE B 1 -5.21 1.19 32.24
C MSE B 1 -5.74 2.41 31.58
O MSE B 1 -6.77 2.33 30.90
CB MSE B 1 -4.72 0.33 31.11
CG MSE B 1 -3.60 -0.39 31.58
SE MSE B 1 -2.08 0.55 30.96
CE MSE B 1 -2.00 -0.53 29.72
N LYS B 2 -5.08 3.52 31.81
CA LYS B 2 -5.35 4.70 31.04
C LYS B 2 -4.33 5.09 29.97
N ILE B 3 -4.79 6.03 29.15
CA ILE B 3 -4.03 6.63 28.08
C ILE B 3 -3.31 7.73 28.85
N LYS B 4 -2.03 7.90 28.52
CA LYS B 4 -1.16 8.83 29.18
C LYS B 4 -1.03 10.00 28.27
N GLN B 5 -0.92 9.77 26.98
CA GLN B 5 -0.79 10.87 26.07
C GLN B 5 -1.42 10.59 24.70
N ALA B 6 -2.01 11.60 24.08
CA ALA B 6 -2.60 11.40 22.74
C ALA B 6 -1.93 12.35 21.76
N LEU B 7 -1.41 11.81 20.65
CA LEU B 7 -0.74 12.64 19.66
C LEU B 7 -1.52 12.53 18.37
N PHE B 8 -1.54 13.60 17.61
CA PHE B 8 -2.22 13.60 16.37
C PHE B 8 -1.23 14.13 15.35
N THR B 9 -0.95 13.33 14.32
CA THR B 9 0.00 13.73 13.27
C THR B 9 -0.58 13.62 11.89
N ALA B 10 -0.28 14.65 11.09
CA ALA B 10 -0.75 14.75 9.71
C ALA B 10 -0.11 13.69 8.85
N GLY B 11 -0.86 13.21 7.89
CA GLY B 11 -0.28 12.34 6.89
C GLY B 11 -1.01 12.27 5.58
N TYR B 12 -0.53 11.40 4.70
CA TYR B 12 -1.19 11.20 3.41
C TYR B 12 -1.95 9.89 3.47
N SER B 13 -3.16 9.91 2.96
CA SER B 13 -3.92 8.68 2.81
C SER B 13 -3.56 8.14 1.45
N SER B 14 -4.13 7.03 1.06
CA SER B 14 -3.67 6.35 -0.16
C SER B 14 -4.39 6.71 -1.47
N PHE B 15 -5.10 7.82 -1.51
CA PHE B 15 -5.64 8.30 -2.79
C PHE B 15 -5.80 9.82 -2.80
N TYR B 16 -6.88 10.35 -3.36
CA TYR B 16 -7.03 11.77 -3.54
C TYR B 16 -8.41 12.18 -3.12
N PHE B 17 -8.57 13.46 -2.83
CA PHE B 17 -9.89 13.91 -2.51
C PHE B 17 -10.35 14.44 -3.86
N ASP B 18 -11.49 14.31 -4.38
CA ASP B 18 -11.91 14.89 -5.68
C ASP B 18 -13.22 15.75 -5.46
N ASP B 19 -13.34 17.00 -5.89
CA ASP B 19 -14.57 17.78 -5.97
C ASP B 19 -15.48 17.27 -7.08
N GLN B 20 -16.44 16.31 -6.67
CA GLN B 20 -17.42 15.63 -7.58
C GLN B 20 -18.58 16.54 -7.88
N GLN B 21 -18.51 17.10 -9.07
CA GLN B 21 -19.47 18.02 -9.62
C GLN B 21 -18.70 19.27 -9.51
N ALA B 22 -17.73 19.21 -10.41
CA ALA B 22 -16.70 20.13 -10.74
C ALA B 22 -16.13 19.35 -11.91
N ILE B 23 -16.09 18.02 -11.67
CA ILE B 23 -15.64 17.00 -12.60
C ILE B 23 -16.82 16.62 -13.52
N LYS B 24 -17.67 15.70 -13.05
CA LYS B 24 -18.84 15.24 -13.81
C LYS B 24 -19.49 16.39 -14.59
N ASN B 25 -19.16 17.61 -14.17
CA ASN B 25 -19.68 18.82 -14.80
C ASN B 25 -18.91 19.11 -16.09
N GLY B 26 -17.59 19.30 -15.97
CA GLY B 26 -16.75 19.56 -17.14
C GLY B 26 -15.33 20.04 -16.79
N ALA B 27 -14.90 19.79 -15.56
CA ALA B 27 -13.55 20.19 -15.13
C ALA B 27 -12.55 19.68 -16.21
N GLY B 28 -11.60 20.46 -16.71
CA GLY B 28 -10.69 19.96 -17.74
C GLY B 28 -9.67 18.95 -17.20
N HIS B 29 -9.02 18.19 -18.08
CA HIS B 29 -7.96 17.25 -17.66
C HIS B 29 -6.63 17.71 -18.29
N ASP B 30 -5.56 17.72 -17.47
CA ASP B 30 -4.20 17.92 -17.89
C ASP B 30 -3.24 16.91 -17.12
N GLY B 31 -2.87 15.79 -17.75
CA GLY B 31 -2.03 14.76 -17.12
C GLY B 31 -2.89 14.08 -16.06
N PHE B 32 -2.54 14.19 -14.79
CA PHE B 32 -3.34 13.56 -13.72
C PHE B 32 -4.30 14.51 -13.00
N ILE B 33 -4.75 15.58 -13.58
CA ILE B 33 -5.52 16.39 -12.67
C ILE B 33 -6.59 17.07 -13.39
N TYR B 34 -7.30 17.86 -12.64
CA TYR B 34 -8.37 18.53 -13.24
C TYR B 34 -8.04 19.97 -13.24
N THR B 35 -8.42 20.64 -14.30
CA THR B 35 -8.23 22.08 -14.39
C THR B 35 -9.43 22.86 -13.91
N GLY B 36 -9.13 24.05 -13.38
CA GLY B 36 -10.17 25.02 -13.10
C GLY B 36 -10.78 25.26 -11.73
N ASP B 37 -12.10 25.04 -11.64
CA ASP B 37 -12.86 25.44 -10.46
C ASP B 37 -13.51 24.33 -9.66
N PRO B 38 -13.11 24.13 -8.39
CA PRO B 38 -13.84 23.19 -7.54
C PRO B 38 -15.20 23.79 -7.16
N VAL B 39 -16.20 22.94 -6.96
CA VAL B 39 -17.54 23.32 -6.52
C VAL B 39 -17.68 23.12 -5.01
N THR B 40 -16.89 22.17 -4.50
CA THR B 40 -16.89 21.72 -3.10
C THR B 40 -16.07 22.64 -2.15
N PRO B 41 -16.54 22.81 -0.92
CA PRO B 41 -15.93 23.76 0.03
C PRO B 41 -14.55 23.30 0.56
N GLY B 42 -13.54 24.22 0.62
CA GLY B 42 -12.24 23.99 1.28
C GLY B 42 -11.06 23.66 0.39
N PHE B 43 -11.38 22.77 -0.52
CA PHE B 43 -10.65 22.56 -1.74
C PHE B 43 -9.86 23.65 -2.40
N THR B 44 -8.55 23.50 -2.34
CA THR B 44 -7.68 24.34 -3.13
C THR B 44 -7.52 23.90 -4.63
N SER B 45 -7.85 22.65 -5.00
CA SER B 45 -7.80 22.17 -6.40
C SER B 45 -9.02 21.27 -6.58
N VAL B 46 -9.37 20.87 -7.83
CA VAL B 46 -10.50 19.94 -8.06
C VAL B 46 -10.06 18.51 -7.59
N ARG B 47 -8.75 18.25 -7.63
CA ARG B 47 -8.15 17.03 -7.07
C ARG B 47 -6.96 17.49 -6.30
N GLN B 48 -6.81 17.01 -5.08
CA GLN B 48 -5.60 17.24 -4.31
C GLN B 48 -5.43 16.03 -3.49
N ALA B 49 -4.33 16.06 -2.78
CA ALA B 49 -3.85 14.97 -2.02
C ALA B 49 -4.87 14.48 -1.02
N GLY B 50 -5.10 13.19 -1.00
CA GLY B 50 -5.89 12.64 0.08
C GLY B 50 -5.09 12.77 1.40
N GLU B 51 -5.79 13.07 2.49
CA GLU B 51 -5.17 13.24 3.79
C GLU B 51 -5.77 12.42 4.92
N CYS B 52 -4.93 12.17 5.92
CA CYS B 52 -5.35 11.56 7.16
C CYS B 52 -4.71 12.20 8.37
N VAL B 53 -5.25 11.83 9.52
CA VAL B 53 -4.71 12.23 10.82
C VAL B 53 -4.56 10.93 11.62
N SER B 54 -3.29 10.64 11.91
CA SER B 54 -2.94 9.50 12.75
C SER B 54 -3.10 9.89 14.22
N VAL B 55 -3.87 9.07 14.92
CA VAL B 55 -4.05 9.19 16.33
C VAL B 55 -3.16 8.15 17.02
N GLN B 56 -2.31 8.60 17.92
CA GLN B 56 -1.47 7.67 18.70
C GLN B 56 -1.75 7.88 20.16
N LEU B 57 -2.02 6.77 20.85
CA LEU B 57 -2.34 6.80 22.28
C LEU B 57 -1.27 6.07 23.06
N ILE B 58 -0.42 6.83 23.73
CA ILE B 58 0.58 6.18 24.57
C ILE B 58 -0.07 5.79 25.88
N LEU B 59 -0.18 4.51 26.15
CA LEU B 59 -0.76 4.09 27.42
C LEU B 59 0.27 4.01 28.57
N GLU B 60 -0.21 3.78 29.79
CA GLU B 60 0.63 3.65 30.98
C GLU B 60 1.61 2.51 30.85
N ASN B 61 1.27 1.39 30.24
CA ASN B 61 2.29 0.33 30.13
C ASN B 61 3.36 0.66 29.03
N GLY B 62 3.31 1.87 28.46
CA GLY B 62 4.17 2.29 27.34
C GLY B 62 3.77 1.85 25.91
N ALA B 63 2.76 1.00 25.77
CA ALA B 63 2.33 0.62 24.47
C ALA B 63 1.78 1.84 23.75
N VAL B 64 1.86 1.81 22.43
CA VAL B 64 1.35 2.85 21.60
C VAL B 64 0.26 2.28 20.67
N ALA B 65 -0.97 2.63 20.98
CA ALA B 65 -2.12 2.29 20.15
C ALA B 65 -2.30 3.28 19.00
N VAL B 66 -2.76 2.79 17.86
CA VAL B 66 -2.86 3.62 16.68
C VAL B 66 -4.16 3.47 15.94
N GLY B 67 -4.51 4.55 15.26
CA GLY B 67 -5.71 4.60 14.45
C GLY B 67 -5.65 5.79 13.55
N ASP B 68 -6.31 5.76 12.39
CA ASP B 68 -6.19 6.82 11.41
C ASP B 68 -7.55 7.43 11.03
N CYS B 69 -7.60 8.75 11.09
CA CYS B 69 -8.78 9.48 10.69
C CYS B 69 -8.69 9.57 9.17
N ALA B 70 -9.74 9.11 8.48
CA ALA B 70 -9.81 9.26 7.04
C ALA B 70 -11.23 9.20 6.50
N ALA B 71 -11.39 9.69 5.28
CA ALA B 71 -12.68 9.93 4.62
C ALA B 71 -12.60 9.45 3.21
N VAL B 72 -13.78 9.26 2.64
CA VAL B 72 -13.87 8.82 1.27
C VAL B 72 -13.30 9.82 0.27
N GLN B 73 -13.15 9.36 -0.98
CA GLN B 73 -12.61 10.17 -2.09
C GLN B 73 -13.44 11.44 -2.40
N TYR B 74 -14.74 11.31 -2.44
CA TYR B 74 -15.55 12.46 -2.74
C TYR B 74 -16.14 12.67 -1.42
N SER B 75 -15.30 13.13 -0.51
CA SER B 75 -15.87 13.55 0.73
C SER B 75 -16.96 14.45 0.12
N GLY B 76 -17.93 14.95 0.88
CA GLY B 76 -18.85 15.97 0.36
C GLY B 76 -20.25 15.59 -0.16
N ALA B 77 -20.44 14.36 -0.67
CA ALA B 77 -21.72 13.89 -1.30
C ALA B 77 -22.37 12.57 -0.78
N GLY B 78 -23.56 12.23 -1.30
CA GLY B 78 -24.27 10.99 -0.95
C GLY B 78 -24.71 10.90 0.51
N GLY B 79 -24.54 12.01 1.23
CA GLY B 79 -24.76 12.10 2.67
C GLY B 79 -23.45 12.06 3.49
N ARG B 80 -22.34 12.64 3.00
CA ARG B 80 -21.00 12.63 3.70
C ARG B 80 -20.48 14.01 4.22
N ASP B 81 -19.66 14.01 5.30
CA ASP B 81 -19.14 15.26 5.94
C ASP B 81 -18.10 16.01 5.09
N PRO B 82 -17.66 17.15 5.57
CA PRO B 82 -16.72 18.00 4.83
C PRO B 82 -15.31 17.51 4.52
N LEU B 83 -14.47 18.47 4.13
CA LEU B 83 -13.20 18.15 3.49
C LEU B 83 -12.27 17.90 4.63
N PHE B 84 -11.89 16.64 4.75
CA PHE B 84 -11.04 16.24 5.85
C PHE B 84 -9.58 16.61 5.67
N LEU B 85 -9.27 17.86 6.01
CA LEU B 85 -7.90 18.32 5.96
C LEU B 85 -7.23 18.33 7.35
N ALA B 86 -5.99 17.83 7.37
CA ALA B 86 -5.21 17.73 8.59
C ALA B 86 -5.04 19.07 9.29
N GLU B 87 -4.61 20.09 8.56
CA GLU B 87 -4.42 21.39 9.21
C GLU B 87 -5.65 21.90 9.96
N HIS B 88 -6.84 21.46 9.58
CA HIS B 88 -7.98 21.86 10.37
C HIS B 88 -8.22 20.90 11.54
N PHE B 89 -8.07 19.62 11.30
CA PHE B 89 -8.48 18.69 12.33
C PHE B 89 -7.51 18.46 13.47
N ILE B 90 -6.27 18.85 13.27
CA ILE B 90 -5.26 18.61 14.29
C ILE B 90 -5.51 19.58 15.47
N PRO B 91 -5.72 20.86 15.21
CA PRO B 91 -6.15 21.81 16.26
C PRO B 91 -7.46 21.43 16.92
N PHE B 92 -8.45 21.06 16.13
CA PHE B 92 -9.71 20.65 16.68
C PHE B 92 -9.51 19.49 17.64
N LEU B 93 -8.70 18.52 17.19
CA LEU B 93 -8.39 17.37 18.01
C LEU B 93 -7.65 17.80 19.27
N ASN B 94 -6.64 18.64 19.15
CA ASN B 94 -5.93 19.05 20.37
C ASN B 94 -6.83 19.86 21.31
N ASP B 95 -7.73 20.68 20.75
CA ASP B 95 -8.56 21.56 21.56
C ASP B 95 -9.73 20.87 22.20
N HIS B 96 -10.37 19.97 21.48
CA HIS B 96 -11.63 19.43 21.96
C HIS B 96 -11.55 17.95 22.36
N ILE B 97 -10.60 17.18 21.84
CA ILE B 97 -10.60 15.71 22.14
C ILE B 97 -9.46 15.26 23.05
N LYS B 98 -8.28 15.81 22.87
CA LYS B 98 -7.18 15.48 23.76
C LYS B 98 -7.59 15.54 25.26
N PRO B 99 -8.25 16.62 25.71
CA PRO B 99 -8.78 16.68 27.10
C PRO B 99 -9.72 15.57 27.49
N LEU B 100 -10.36 14.82 26.57
CA LEU B 100 -11.16 13.71 26.96
C LEU B 100 -10.36 12.40 26.85
N LEU B 101 -9.13 12.45 26.35
CA LEU B 101 -8.37 11.20 26.10
C LEU B 101 -7.27 10.90 27.14
N GLU B 102 -6.58 11.95 27.51
CA GLU B 102 -5.44 11.85 28.41
C GLU B 102 -5.98 11.64 29.81
N GLY B 103 -5.67 10.47 30.33
CA GLY B 103 -6.23 10.02 31.58
C GLY B 103 -7.39 9.03 31.38
N ARG B 104 -7.86 8.79 30.16
CA ARG B 104 -9.01 7.89 29.96
C ARG B 104 -8.69 6.41 30.15
N ASP B 105 -9.57 5.68 30.85
CA ASP B 105 -9.48 4.23 31.03
C ASP B 105 -9.79 3.50 29.69
N VAL B 106 -8.98 2.51 29.30
CA VAL B 106 -9.21 1.78 28.04
C VAL B 106 -9.41 0.27 28.24
N ASP B 107 -9.83 -0.16 29.43
CA ASP B 107 -9.91 -1.58 29.76
C ASP B 107 -11.00 -2.18 28.93
N ALA B 108 -12.02 -1.39 28.63
CA ALA B 108 -13.01 -1.81 27.68
C ALA B 108 -12.95 -0.89 26.49
N PHE B 109 -13.60 -1.30 25.42
CA PHE B 109 -13.63 -0.53 24.18
C PHE B 109 -14.98 0.16 23.92
N LEU B 110 -16.10 -0.57 24.05
CA LEU B 110 -17.45 -0.11 23.60
C LEU B 110 -17.99 1.16 24.28
N PRO B 111 -17.89 1.30 25.61
CA PRO B 111 -18.24 2.60 26.22
C PRO B 111 -17.58 3.78 25.52
N ASN B 112 -16.26 3.71 25.37
CA ASN B 112 -15.46 4.77 24.75
C ASN B 112 -15.95 5.00 23.29
N ALA B 113 -16.16 3.92 22.55
CA ALA B 113 -16.58 4.04 21.14
C ALA B 113 -17.90 4.82 21.09
N ARG B 114 -18.83 4.39 21.91
CA ARG B 114 -20.15 4.99 21.98
C ARG B 114 -20.11 6.41 22.43
N PHE B 115 -19.28 6.67 23.44
CA PHE B 115 -19.17 8.00 24.00
C PHE B 115 -18.71 9.01 22.95
N PHE B 116 -17.64 8.67 22.22
CA PHE B 116 -17.14 9.56 21.17
C PHE B 116 -18.10 9.60 19.96
N ASP B 117 -18.87 8.55 19.78
CA ASP B 117 -19.74 8.52 18.61
C ASP B 117 -20.89 9.46 18.83
N LYS B 118 -21.18 9.74 20.10
CA LYS B 118 -22.33 10.58 20.41
C LYS B 118 -21.95 11.93 20.82
N LEU B 119 -20.68 12.15 21.08
CA LEU B 119 -20.26 13.39 21.61
C LEU B 119 -20.61 14.58 20.71
N ARG B 120 -21.07 15.68 21.31
CA ARG B 120 -21.27 16.94 20.57
C ARG B 120 -20.35 18.06 21.05
N ILE B 121 -19.81 18.82 20.09
CA ILE B 121 -18.90 19.95 20.30
C ILE B 121 -19.66 21.12 19.69
N ASP B 122 -20.02 22.07 20.55
CA ASP B 122 -20.79 23.20 20.10
C ASP B 122 -22.02 22.66 19.35
N GLY B 123 -22.71 21.68 19.93
CA GLY B 123 -23.92 21.10 19.33
C GLY B 123 -23.71 20.15 18.15
N ASN B 124 -22.51 20.06 17.63
CA ASN B 124 -22.31 19.23 16.45
C ASN B 124 -21.62 17.91 16.74
N LEU B 125 -22.04 16.83 16.07
CA LEU B 125 -21.34 15.57 16.18
C LEU B 125 -19.97 15.70 15.58
N LEU B 126 -19.07 14.85 16.00
CA LEU B 126 -17.74 14.85 15.41
C LEU B 126 -17.81 14.34 13.95
N HIS B 127 -16.94 14.85 13.09
CA HIS B 127 -16.75 14.33 11.72
C HIS B 127 -16.58 12.79 11.73
N THR B 128 -17.28 12.14 10.80
CA THR B 128 -17.20 10.69 10.71
C THR B 128 -15.72 10.31 10.68
N ALA B 129 -14.86 11.07 10.01
CA ALA B 129 -13.44 10.66 9.91
C ALA B 129 -12.74 10.63 11.26
N VAL B 130 -13.21 11.52 12.11
CA VAL B 130 -12.59 11.69 13.40
C VAL B 130 -13.10 10.57 14.21
N ARG B 131 -14.37 10.29 14.11
CA ARG B 131 -14.90 9.18 14.87
C ARG B 131 -14.31 7.84 14.41
N TYR B 132 -14.06 7.68 13.11
CA TYR B 132 -13.49 6.43 12.58
C TYR B 132 -12.11 6.23 13.19
N GLY B 133 -11.29 7.26 13.11
CA GLY B 133 -9.94 7.18 13.63
C GLY B 133 -9.78 6.99 15.12
N LEU B 134 -10.47 7.76 15.94
CA LEU B 134 -10.45 7.59 17.38
C LEU B 134 -10.88 6.23 17.76
N SER B 135 -11.92 5.73 17.12
CA SER B 135 -12.43 4.43 17.48
C SER B 135 -11.45 3.34 17.15
N GLN B 136 -10.73 3.47 16.03
CA GLN B 136 -9.70 2.47 15.72
C GLN B 136 -8.63 2.44 16.87
N ALA B 137 -8.18 3.61 17.27
CA ALA B 137 -7.14 3.72 18.30
C ALA B 137 -7.62 3.25 19.66
N LEU B 138 -8.89 3.51 19.95
CA LEU B 138 -9.48 3.07 21.19
C LEU B 138 -9.60 1.60 21.18
N LEU B 139 -9.88 0.98 20.04
CA LEU B 139 -9.94 -0.46 20.08
C LEU B 139 -8.54 -1.05 20.27
N ASP B 140 -7.57 -0.48 19.53
CA ASP B 140 -6.17 -0.90 19.61
C ASP B 140 -5.65 -0.75 21.07
N ALA B 141 -6.08 0.33 21.71
CA ALA B 141 -5.67 0.60 23.10
C ALA B 141 -6.17 -0.50 24.03
N THR B 142 -7.43 -0.86 23.89
CA THR B 142 -7.97 -1.92 24.75
C THR B 142 -7.21 -3.22 24.53
N ALA B 143 -6.94 -3.51 23.26
CA ALA B 143 -6.15 -4.69 22.92
C ALA B 143 -4.75 -4.68 23.61
N LEU B 144 -4.00 -3.62 23.37
CA LEU B 144 -2.61 -3.48 23.86
C LEU B 144 -2.56 -3.40 25.36
N ALA B 145 -3.63 -2.93 25.97
CA ALA B 145 -3.69 -2.86 27.41
C ALA B 145 -3.85 -4.19 28.05
N SER B 146 -4.32 -5.19 27.33
CA SER B 146 -4.69 -6.43 27.99
C SER B 146 -4.14 -7.68 27.38
N GLY B 147 -3.16 -7.56 26.48
CA GLY B 147 -2.65 -8.76 25.81
C GLY B 147 -3.62 -9.49 24.87
N ARG B 148 -4.62 -8.79 24.37
CA ARG B 148 -5.53 -9.34 23.36
C ARG B 148 -5.29 -8.76 21.99
N LEU B 149 -5.70 -9.47 20.97
CA LEU B 149 -5.76 -8.91 19.64
C LEU B 149 -7.03 -8.04 19.51
N LYS B 150 -7.03 -7.05 18.63
CA LYS B 150 -8.21 -6.19 18.45
C LYS B 150 -9.41 -7.08 18.14
N THR B 151 -9.19 -8.09 17.33
CA THR B 151 -10.30 -8.95 16.97
C THR B 151 -10.89 -9.64 18.21
N GLU B 152 -10.04 -10.05 19.14
CA GLU B 152 -10.54 -10.72 20.34
C GLU B 152 -11.34 -9.78 21.24
N VAL B 153 -10.96 -8.51 21.26
CA VAL B 153 -11.63 -7.59 22.11
C VAL B 153 -13.08 -7.46 21.59
N VAL B 154 -13.22 -7.42 20.26
CA VAL B 154 -14.54 -7.32 19.66
C VAL B 154 -15.31 -8.61 20.00
N CYS B 155 -14.64 -9.75 19.92
CA CYS B 155 -15.30 -11.00 20.22
C CYS B 155 -15.74 -11.08 21.68
N ASP B 156 -14.90 -10.55 22.55
CA ASP B 156 -15.17 -10.59 23.96
C ASP B 156 -16.36 -9.69 24.25
N GLU B 157 -16.31 -8.48 23.74
CA GLU B 157 -17.34 -7.54 24.10
C GLU B 157 -18.71 -7.70 23.37
N TRP B 158 -18.79 -8.47 22.29
CA TRP B 158 -20.08 -8.70 21.63
C TRP B 158 -20.44 -10.16 21.83
N GLN B 159 -19.61 -10.91 22.56
CA GLN B 159 -19.83 -12.33 22.81
C GLN B 159 -19.92 -13.18 21.56
N LEU B 160 -18.88 -13.13 20.74
CA LEU B 160 -18.84 -13.87 19.51
C LEU B 160 -17.76 -14.90 19.62
N PRO B 161 -17.87 -15.95 18.86
CA PRO B 161 -16.88 -17.03 18.87
C PRO B 161 -15.48 -16.82 18.29
N CYS B 162 -15.27 -15.85 17.41
CA CYS B 162 -13.93 -15.64 16.82
C CYS B 162 -13.30 -16.90 16.22
N VAL B 163 -14.08 -17.67 15.49
CA VAL B 163 -13.53 -18.84 14.87
C VAL B 163 -12.44 -18.35 13.92
N PRO B 164 -11.25 -18.92 13.95
CA PRO B 164 -10.20 -18.44 13.06
C PRO B 164 -10.41 -18.88 11.65
N GLU B 165 -11.04 -18.02 10.87
CA GLU B 165 -11.38 -18.38 9.52
C GLU B 165 -11.35 -17.21 8.60
N ALA B 166 -10.95 -17.41 7.37
CA ALA B 166 -10.85 -16.30 6.45
C ALA B 166 -12.19 -15.64 6.04
N ILE B 167 -12.10 -14.39 5.59
CA ILE B 167 -13.19 -13.65 4.97
C ILE B 167 -12.89 -13.45 3.46
N PRO B 168 -13.87 -13.64 2.55
CA PRO B 168 -13.63 -13.44 1.12
C PRO B 168 -13.27 -11.99 0.84
N LEU B 169 -12.24 -11.77 0.03
CA LEU B 169 -11.73 -10.44 -0.27
C LEU B 169 -12.16 -10.01 -1.67
N PHE B 170 -12.38 -8.73 -1.84
CA PHE B 170 -12.78 -8.14 -3.09
C PHE B 170 -11.81 -7.05 -3.52
N GLY B 171 -11.19 -7.22 -4.67
CA GLY B 171 -10.37 -6.17 -5.21
C GLY B 171 -11.05 -5.24 -6.21
N GLN B 172 -10.54 -4.03 -6.23
CA GLN B 172 -11.06 -2.95 -7.03
C GLN B 172 -9.97 -2.45 -7.95
N SER B 173 -10.29 -2.41 -9.22
CA SER B 173 -9.35 -2.08 -10.25
C SER B 173 -9.22 -0.60 -10.54
N GLY B 174 -10.06 0.25 -9.99
CA GLY B 174 -10.08 1.63 -10.49
C GLY B 174 -10.33 1.63 -12.03
N ASP B 175 -9.86 2.63 -12.76
CA ASP B 175 -10.12 2.67 -14.22
C ASP B 175 -9.32 1.64 -15.01
N ASP B 176 -8.33 1.06 -14.37
CA ASP B 176 -7.50 0.06 -14.99
C ASP B 176 -8.17 -1.31 -15.04
N ARG B 177 -9.35 -1.38 -15.65
CA ARG B 177 -10.19 -2.56 -15.55
C ARG B 177 -9.73 -3.77 -16.30
N TYR B 178 -8.70 -3.63 -17.13
CA TYR B 178 -8.14 -4.77 -17.81
C TYR B 178 -6.92 -5.31 -17.12
N ILE B 179 -5.96 -4.42 -16.96
CA ILE B 179 -4.70 -4.81 -16.40
C ILE B 179 -4.80 -5.36 -14.96
N ALA B 180 -5.59 -4.70 -14.13
CA ALA B 180 -5.81 -5.08 -12.71
C ALA B 180 -6.51 -6.42 -12.59
N VAL B 181 -7.31 -6.72 -13.60
CA VAL B 181 -7.89 -8.07 -13.66
C VAL B 181 -6.77 -9.09 -13.74
N ASP B 182 -5.73 -8.89 -14.57
CA ASP B 182 -4.70 -9.92 -14.61
C ASP B 182 -3.97 -10.10 -13.24
N LYS B 183 -3.73 -8.96 -12.59
CA LYS B 183 -3.12 -8.92 -11.26
C LYS B 183 -3.91 -9.81 -10.29
N MSE B 184 -5.22 -9.61 -10.31
CA MSE B 184 -6.09 -10.27 -9.38
C MSE B 184 -6.12 -11.78 -9.68
O MSE B 184 -6.09 -12.58 -8.77
CB MSE B 184 -7.43 -9.60 -9.36
CG MSE B 184 -7.32 -8.16 -8.82
SE MSE B 184 -9.07 -7.31 -8.86
CE MSE B 184 -9.64 -8.09 -8.82
N ILE B 185 -6.14 -12.17 -10.94
CA ILE B 185 -6.15 -13.59 -11.25
C ILE B 185 -4.83 -14.14 -10.76
N LEU B 186 -3.74 -13.42 -10.98
CA LEU B 186 -2.45 -13.99 -10.62
C LEU B 186 -2.35 -14.12 -9.12
N LYS B 187 -3.06 -13.28 -8.36
CA LYS B 187 -3.07 -13.37 -6.90
C LYS B 187 -4.27 -14.09 -6.33
N GLY B 188 -4.99 -14.85 -7.15
CA GLY B 188 -6.11 -15.63 -6.62
C GLY B 188 -7.21 -14.94 -5.81
N VAL B 189 -7.58 -13.73 -6.18
CA VAL B 189 -8.47 -12.96 -5.35
C VAL B 189 -9.87 -13.49 -5.40
N ASP B 190 -10.60 -13.37 -4.31
CA ASP B 190 -11.83 -14.11 -4.21
C ASP B 190 -12.94 -13.55 -5.08
N VAL B 191 -12.99 -12.24 -5.10
CA VAL B 191 -14.05 -11.51 -5.74
C VAL B 191 -13.37 -10.34 -6.46
N LEU B 192 -13.86 -10.05 -7.67
CA LEU B 192 -13.26 -9.03 -8.53
C LEU B 192 -14.24 -8.59 -9.60
N PRO B 193 -13.94 -7.46 -10.26
CA PRO B 193 -12.84 -6.55 -9.96
C PRO B 193 -13.25 -5.10 -9.83
N HIS B 194 -14.53 -4.90 -9.59
CA HIS B 194 -15.15 -3.58 -9.44
C HIS B 194 -15.35 -2.86 -10.79
N ALA B 195 -14.26 -2.59 -11.50
CA ALA B 195 -14.29 -2.08 -12.88
C ALA B 195 -14.66 -0.61 -13.05
N LEU B 196 -15.00 0.06 -11.96
CA LEU B 196 -15.32 1.46 -12.06
C LEU B 196 -16.11 1.77 -13.36
N ILE B 197 -17.29 1.17 -13.53
CA ILE B 197 -18.09 1.36 -14.74
C ILE B 197 -18.91 2.58 -14.40
N ASN B 198 -18.26 3.73 -14.49
CA ASN B 198 -18.85 4.91 -13.95
C ASN B 198 -19.26 5.99 -14.97
N ASN B 199 -19.40 5.65 -16.25
CA ASN B 199 -19.79 6.63 -17.26
C ASN B 199 -20.57 5.90 -18.31
N VAL B 200 -21.72 6.43 -18.68
CA VAL B 200 -22.49 5.76 -19.70
C VAL B 200 -21.73 5.61 -21.03
N GLU B 201 -21.30 6.71 -21.61
CA GLU B 201 -20.76 6.66 -22.97
C GLU B 201 -19.59 5.73 -23.17
N GLU B 202 -18.64 5.82 -22.28
CA GLU B 202 -17.45 5.06 -22.50
C GLU B 202 -17.47 3.69 -21.81
N LYS B 203 -18.18 3.54 -20.71
CA LYS B 203 -18.01 2.29 -19.95
C LYS B 203 -19.22 1.30 -19.97
N LEU B 204 -20.42 1.81 -19.75
CA LEU B 204 -21.57 0.95 -19.72
C LEU B 204 -22.09 0.75 -21.14
N GLY B 205 -22.14 1.83 -21.91
CA GLY B 205 -22.76 1.79 -23.24
C GLY B 205 -24.20 2.34 -23.10
N PHE B 206 -24.72 3.04 -24.13
CA PHE B 206 -26.07 3.67 -24.17
C PHE B 206 -27.18 2.65 -24.00
N LYS B 207 -26.89 1.43 -24.44
CA LYS B 207 -27.74 0.24 -24.20
C LYS B 207 -27.09 -0.88 -23.36
N GLY B 208 -25.98 -0.58 -22.68
CA GLY B 208 -25.38 -1.56 -21.79
C GLY B 208 -24.57 -2.61 -22.50
N GLU B 209 -24.32 -2.37 -23.77
CA GLU B 209 -23.59 -3.31 -24.58
C GLU B 209 -22.07 -3.33 -24.25
N LYS B 210 -21.53 -2.21 -23.82
CA LYS B 210 -20.13 -2.21 -23.48
C LYS B 210 -19.90 -3.04 -22.17
N LEU B 211 -20.74 -2.86 -21.15
CA LEU B 211 -20.64 -3.63 -19.89
C LEU B 211 -20.84 -5.13 -20.24
N ARG B 212 -21.81 -5.38 -21.12
CA ARG B 212 -22.07 -6.75 -21.59
C ARG B 212 -20.79 -7.37 -22.15
N GLU B 213 -20.13 -6.65 -23.03
CA GLU B 213 -18.93 -7.19 -23.61
C GLU B 213 -17.81 -7.27 -22.57
N TYR B 214 -17.80 -6.38 -21.60
CA TYR B 214 -16.74 -6.43 -20.60
C TYR B 214 -16.93 -7.70 -19.73
N VAL B 215 -18.15 -7.96 -19.31
CA VAL B 215 -18.33 -9.11 -18.47
C VAL B 215 -17.78 -10.40 -19.20
N ARG B 216 -18.01 -10.50 -20.50
CA ARG B 216 -17.58 -11.67 -21.25
C ARG B 216 -16.06 -11.72 -21.34
N TRP B 217 -15.48 -10.55 -21.54
CA TRP B 217 -14.03 -10.42 -21.56
C TRP B 217 -13.43 -10.92 -20.21
N LEU B 218 -14.03 -10.51 -19.11
CA LEU B 218 -13.59 -10.80 -17.77
C LEU B 218 -13.68 -12.29 -17.40
N SER B 219 -14.81 -12.87 -17.72
CA SER B 219 -14.99 -14.29 -17.52
C SER B 219 -14.06 -15.11 -18.41
N ASP B 220 -13.90 -14.73 -19.67
CA ASP B 220 -12.95 -15.40 -20.51
C ASP B 220 -11.53 -15.23 -19.92
N ARG B 221 -11.18 -14.02 -19.44
CA ARG B 221 -9.80 -13.79 -18.98
C ARG B 221 -9.51 -14.74 -17.82
N ILE B 222 -10.43 -14.79 -16.88
CA ILE B 222 -10.31 -15.61 -15.73
C ILE B 222 -10.13 -17.05 -16.16
N LEU B 223 -11.03 -17.55 -17.01
CA LEU B 223 -11.01 -18.95 -17.45
C LEU B 223 -9.78 -19.24 -18.30
N SER B 224 -9.27 -18.23 -18.97
CA SER B 224 -8.05 -18.44 -19.72
C SER B 224 -6.79 -18.37 -18.85
N LEU B 225 -6.67 -17.37 -18.00
CA LEU B 225 -5.45 -17.21 -17.21
C LEU B 225 -5.22 -18.10 -16.00
N ARG B 226 -6.30 -18.59 -15.44
CA ARG B 226 -6.20 -19.27 -14.16
C ARG B 226 -5.44 -20.54 -14.30
N SER B 227 -4.81 -21.00 -13.24
CA SER B 227 -4.07 -22.24 -13.41
C SER B 227 -4.91 -23.51 -13.29
N SER B 228 -6.05 -23.49 -12.59
CA SER B 228 -6.97 -24.65 -12.60
C SER B 228 -8.40 -24.20 -12.36
N PRO B 229 -9.35 -25.11 -12.55
CA PRO B 229 -10.76 -24.84 -12.32
C PRO B 229 -11.04 -24.68 -10.87
N ARG B 230 -10.05 -24.91 -10.01
CA ARG B 230 -10.30 -24.62 -8.61
C ARG B 230 -10.48 -23.15 -8.35
N TYR B 231 -9.98 -22.28 -9.21
CA TYR B 231 -10.19 -20.83 -9.03
C TYR B 231 -11.56 -20.45 -9.68
N HIS B 232 -12.61 -20.22 -8.87
CA HIS B 232 -13.97 -19.90 -9.34
C HIS B 232 -14.43 -18.70 -8.49
N PRO B 233 -13.87 -17.52 -8.76
CA PRO B 233 -14.21 -16.31 -8.02
C PRO B 233 -15.58 -15.81 -8.39
N THR B 234 -16.04 -14.87 -7.59
CA THR B 234 -17.30 -14.17 -7.79
C THR B 234 -16.95 -12.87 -8.52
N LEU B 235 -17.79 -12.50 -9.49
CA LEU B 235 -17.59 -11.27 -10.24
C LEU B 235 -18.39 -10.20 -9.54
N HIS B 236 -17.82 -9.00 -9.30
CA HIS B 236 -18.53 -7.91 -8.60
C HIS B 236 -18.17 -6.58 -9.29
N ILE B 237 -19.18 -6.00 -9.97
CA ILE B 237 -18.98 -4.78 -10.75
C ILE B 237 -19.89 -3.65 -10.31
N ASP B 238 -19.33 -2.46 -10.14
CA ASP B 238 -20.03 -1.30 -9.63
C ASP B 238 -20.27 -0.40 -10.83
N VAL B 239 -21.53 -0.13 -11.13
CA VAL B 239 -21.83 0.69 -12.29
C VAL B 239 -22.25 2.13 -11.92
N TYR B 240 -22.12 2.48 -10.64
CA TYR B 240 -22.37 3.84 -10.14
C TYR B 240 -23.62 4.49 -10.72
N GLY B 241 -24.74 3.80 -10.60
CA GLY B 241 -26.00 4.34 -11.05
C GLY B 241 -26.19 4.46 -12.54
N THR B 242 -25.27 3.97 -13.37
CA THR B 242 -25.42 4.22 -14.79
C THR B 242 -26.52 3.42 -15.45
N ILE B 243 -26.85 2.27 -14.88
CA ILE B 243 -27.91 1.43 -15.44
C ILE B 243 -29.27 2.12 -15.28
N GLY B 244 -29.46 2.79 -14.14
CA GLY B 244 -30.66 3.59 -13.95
C GLY B 244 -30.78 4.70 -15.01
N LEU B 245 -29.65 5.33 -15.35
CA LEU B 245 -29.62 6.41 -16.33
C LEU B 245 -30.06 5.91 -17.73
N ILE B 246 -29.49 4.82 -18.23
CA ILE B 246 -29.91 4.38 -19.59
C ILE B 246 -31.28 3.74 -19.64
N PHE B 247 -31.89 3.43 -18.49
CA PHE B 247 -33.22 2.83 -18.48
C PHE B 247 -34.24 3.85 -17.90
N ASP B 248 -33.80 5.11 -17.75
CA ASP B 248 -34.68 6.13 -17.21
C ASP B 248 -35.29 5.69 -15.86
N MSE B 249 -34.49 5.08 -14.99
CA MSE B 249 -35.01 4.67 -13.68
C MSE B 249 -36.20 3.73 -13.73
O MSE B 249 -36.96 3.63 -12.79
CB MSE B 249 -35.37 5.89 -12.86
CG MSE B 249 -34.50 7.04 -13.22
SE MSE B 249 -32.70 6.48 -12.47
CE MSE B 249 -33.30 5.98 -11.00
N ASP B 250 -36.33 2.99 -14.81
CA ASP B 250 -37.36 1.96 -14.89
C ASP B 250 -36.75 0.64 -14.35
N PRO B 251 -37.20 0.26 -13.18
CA PRO B 251 -36.64 -0.91 -12.50
C PRO B 251 -36.85 -2.28 -13.03
N VAL B 252 -37.99 -2.51 -13.65
CA VAL B 252 -38.20 -3.75 -14.33
C VAL B 252 -37.20 -3.80 -15.49
N ARG B 253 -36.97 -2.67 -16.16
CA ARG B 253 -36.06 -2.74 -17.31
C ARG B 253 -34.65 -2.96 -16.77
N CYS B 254 -34.31 -2.37 -15.64
CA CYS B 254 -32.97 -2.46 -15.05
C CYS B 254 -32.63 -3.96 -14.78
N ALA B 255 -33.57 -4.56 -14.06
CA ALA B 255 -33.54 -5.97 -13.72
C ALA B 255 -33.39 -6.87 -14.94
N GLU B 256 -34.15 -6.59 -15.98
CA GLU B 256 -34.05 -7.39 -17.18
C GLU B 256 -32.65 -7.31 -17.78
N TYR B 257 -32.15 -6.10 -17.90
CA TYR B 257 -30.79 -5.93 -18.34
C TYR B 257 -29.71 -6.59 -17.43
N ILE B 258 -29.91 -6.49 -16.13
CA ILE B 258 -28.95 -7.04 -15.15
C ILE B 258 -29.01 -8.55 -15.30
N ALA B 259 -30.20 -9.16 -15.42
CA ALA B 259 -30.30 -10.62 -15.61
C ALA B 259 -29.63 -11.13 -16.89
N SER B 260 -29.69 -10.32 -17.96
CA SER B 260 -29.08 -10.70 -19.22
C SER B 260 -27.56 -10.76 -19.05
N LEU B 261 -26.98 -10.16 -18.01
CA LEU B 261 -25.54 -10.35 -17.88
C LEU B 261 -25.12 -11.74 -17.39
N GLU B 262 -26.01 -12.46 -16.75
CA GLU B 262 -25.59 -13.75 -16.24
C GLU B 262 -24.95 -14.64 -17.28
N LYS B 263 -25.57 -14.66 -18.46
CA LYS B 263 -25.07 -15.45 -19.52
C LYS B 263 -23.57 -15.09 -19.66
N GLU B 264 -23.18 -13.83 -19.53
CA GLU B 264 -21.80 -13.49 -19.88
C GLU B 264 -20.71 -13.91 -18.90
N ALA B 265 -21.15 -14.20 -17.69
CA ALA B 265 -20.29 -14.57 -16.54
C ALA B 265 -19.81 -16.01 -16.53
N GLN B 266 -20.42 -16.81 -17.41
CA GLN B 266 -20.04 -18.19 -17.62
C GLN B 266 -19.94 -18.98 -16.37
N GLY B 267 -20.94 -18.84 -15.53
CA GLY B 267 -20.97 -19.66 -14.35
C GLY B 267 -20.26 -19.01 -13.17
N LEU B 268 -19.53 -17.90 -13.35
CA LEU B 268 -18.99 -17.23 -12.17
C LEU B 268 -20.19 -16.43 -11.62
N PRO B 269 -20.48 -16.49 -10.32
CA PRO B 269 -21.59 -15.71 -9.78
C PRO B 269 -21.33 -14.23 -10.01
N LEU B 270 -22.41 -13.51 -10.24
CA LEU B 270 -22.31 -12.10 -10.63
C LEU B 270 -23.02 -11.19 -9.66
N TYR B 271 -22.38 -10.08 -9.28
CA TYR B 271 -22.94 -9.07 -8.38
C TYR B 271 -22.83 -7.73 -9.13
N ILE B 272 -23.91 -6.94 -9.17
CA ILE B 272 -23.88 -5.63 -9.77
C ILE B 272 -24.16 -4.64 -8.66
N GLU B 273 -23.22 -3.74 -8.44
CA GLU B 273 -23.35 -2.81 -7.36
C GLU B 273 -23.83 -1.47 -7.84
N GLY B 274 -24.67 -0.81 -7.06
CA GLY B 274 -25.13 0.53 -7.36
C GLY B 274 -25.87 0.66 -8.70
N PRO B 275 -26.84 -0.21 -8.99
CA PRO B 275 -27.44 -0.19 -10.34
C PRO B 275 -28.08 1.13 -10.69
N VAL B 276 -28.64 1.76 -9.68
CA VAL B 276 -29.29 3.05 -9.87
C VAL B 276 -28.93 4.00 -8.74
N ASP B 277 -29.20 5.28 -8.98
CA ASP B 277 -29.06 6.30 -7.96
C ASP B 277 -30.28 7.20 -8.11
N ALA B 278 -31.20 7.04 -7.17
CA ALA B 278 -32.47 7.75 -7.12
C ALA B 278 -32.29 9.12 -6.44
N GLY B 279 -31.03 9.43 -6.09
CA GLY B 279 -30.65 10.70 -5.50
C GLY B 279 -31.18 10.94 -4.11
N ASN B 280 -31.95 10.00 -3.56
CA ASN B 280 -32.39 10.09 -2.17
C ASN B 280 -32.69 8.73 -1.54
N LYS B 281 -32.38 8.62 -0.24
CA LYS B 281 -32.62 7.40 0.54
C LYS B 281 -33.98 6.69 0.28
N PRO B 282 -35.11 7.31 0.62
CA PRO B 282 -36.38 6.58 0.49
C PRO B 282 -36.64 6.11 -0.93
N ASP B 283 -36.34 6.93 -1.93
CA ASP B 283 -36.51 6.45 -3.32
C ASP B 283 -35.48 5.34 -3.63
N GLN B 284 -34.27 5.47 -3.07
CA GLN B 284 -33.23 4.50 -3.40
C GLN B 284 -33.74 3.14 -2.91
N ILE B 285 -34.22 3.08 -1.68
CA ILE B 285 -34.67 1.82 -1.10
C ILE B 285 -35.78 1.22 -1.99
N ARG B 286 -36.71 2.06 -2.43
CA ARG B 286 -37.83 1.59 -3.25
C ARG B 286 -37.35 1.05 -4.59
N MSE B 287 -36.48 1.80 -5.27
CA MSE B 287 -36.00 1.39 -6.58
C MSE B 287 -35.24 0.01 -6.45
O MSE B 287 -35.52 -0.95 -7.20
CB MSE B 287 -35.14 2.50 -7.17
CG MSE B 287 -35.00 2.46 -8.71
SE MSE B 287 -36.70 3.05 -9.33
CE MSE B 287 -36.32 4.88 -9.16
N LEU B 288 -34.36 -0.10 -5.45
CA LEU B 288 -33.57 -1.32 -5.31
C LEU B 288 -34.55 -2.44 -5.05
N THR B 289 -35.50 -2.16 -4.18
CA THR B 289 -36.46 -3.21 -3.88
C THR B 289 -37.21 -3.76 -5.07
N ALA B 290 -37.65 -2.88 -5.95
CA ALA B 290 -38.32 -3.29 -7.20
C ALA B 290 -37.38 -4.01 -8.17
N ILE B 291 -36.12 -3.60 -8.22
CA ILE B 291 -35.18 -4.36 -9.01
C ILE B 291 -35.04 -5.75 -8.41
N THR B 292 -34.88 -5.86 -7.09
CA THR B 292 -34.68 -7.18 -6.50
C THR B 292 -35.89 -8.10 -6.80
N LYS B 293 -37.08 -7.56 -6.58
CA LYS B 293 -38.32 -8.27 -6.88
C LYS B 293 -38.36 -8.81 -8.29
N GLU B 294 -38.00 -7.99 -9.25
CA GLU B 294 -38.11 -8.45 -10.62
C GLU B 294 -37.06 -9.52 -10.90
N LEU B 295 -35.84 -9.33 -10.40
CA LEU B 295 -34.81 -10.38 -10.55
C LEU B 295 -35.24 -11.75 -10.07
N THR B 296 -35.92 -11.76 -8.94
CA THR B 296 -36.36 -12.99 -8.32
C THR B 296 -37.46 -13.58 -9.16
N ARG B 297 -38.34 -12.72 -9.63
CA ARG B 297 -39.43 -13.17 -10.49
C ARG B 297 -38.83 -13.82 -11.74
N LEU B 298 -37.77 -13.24 -12.34
CA LEU B 298 -37.15 -13.81 -13.53
C LEU B 298 -36.41 -15.08 -13.22
N GLY B 299 -36.23 -15.41 -11.95
CA GLY B 299 -35.36 -16.54 -11.60
C GLY B 299 -33.87 -16.29 -11.79
N SER B 300 -33.46 -15.03 -11.83
CA SER B 300 -32.07 -14.73 -12.07
C SER B 300 -31.16 -15.05 -10.87
N GLY B 301 -29.93 -15.48 -11.13
CA GLY B 301 -28.97 -15.67 -10.04
C GLY B 301 -28.07 -14.45 -9.81
N VAL B 302 -28.27 -13.35 -10.54
CA VAL B 302 -27.48 -12.13 -10.35
C VAL B 302 -28.02 -11.37 -9.20
N LYS B 303 -27.12 -10.85 -8.39
CA LYS B 303 -27.51 -10.13 -7.22
C LYS B 303 -27.13 -8.69 -7.33
N ILE B 304 -27.76 -7.82 -6.54
CA ILE B 304 -27.42 -6.40 -6.61
C ILE B 304 -27.06 -5.90 -5.23
N VAL B 305 -26.22 -4.89 -5.21
CA VAL B 305 -25.65 -4.41 -3.98
C VAL B 305 -25.91 -2.95 -3.81
N ALA B 306 -26.46 -2.57 -2.67
CA ALA B 306 -26.58 -1.14 -2.37
C ALA B 306 -25.25 -0.47 -2.00
N ASP B 307 -25.17 0.84 -2.26
CA ASP B 307 -24.02 1.61 -1.79
C ASP B 307 -24.48 3.04 -1.45
N GLU B 308 -24.71 3.81 -2.50
CA GLU B 308 -25.07 5.19 -2.37
C GLU B 308 -26.37 5.24 -1.55
N TRP B 309 -26.47 6.21 -0.64
CA TRP B 309 -27.65 6.39 0.28
C TRP B 309 -27.76 5.43 1.46
N CYS B 310 -26.90 4.44 1.48
CA CYS B 310 -26.85 3.47 2.57
C CYS B 310 -25.54 3.72 3.31
N ASN B 311 -25.56 4.72 4.21
CA ASN B 311 -24.34 5.30 4.81
C ASN B 311 -24.10 4.88 6.21
N THR B 312 -25.08 5.15 7.06
CA THR B 312 -24.95 4.89 8.52
C THR B 312 -25.47 3.53 9.02
N TYR B 313 -25.17 3.22 10.28
CA TYR B 313 -25.72 2.01 10.88
C TYR B 313 -27.24 2.02 10.59
N GLN B 314 -27.91 3.12 10.86
CA GLN B 314 -29.38 3.12 10.75
C GLN B 314 -29.87 2.92 9.30
N ASP B 315 -29.17 3.53 8.35
CA ASP B 315 -29.38 3.34 6.92
C ASP B 315 -29.30 1.88 6.54
N ILE B 316 -28.25 1.24 7.02
CA ILE B 316 -28.06 -0.17 6.76
C ILE B 316 -29.25 -0.96 7.30
N VAL B 317 -29.67 -0.61 8.52
CA VAL B 317 -30.84 -1.20 9.14
C VAL B 317 -32.08 -1.01 8.26
N ASP B 318 -32.26 0.18 7.74
CA ASP B 318 -33.41 0.47 6.90
C ASP B 318 -33.37 -0.26 5.57
N PHE B 319 -32.22 -0.28 4.88
CA PHE B 319 -32.12 -1.00 3.62
C PHE B 319 -32.34 -2.50 3.86
N THR B 320 -31.90 -2.96 5.01
CA THR B 320 -32.04 -4.35 5.33
C THR B 320 -33.49 -4.74 5.67
N ASP B 321 -34.13 -3.96 6.52
CA ASP B 321 -35.54 -4.20 6.88
C ASP B 321 -36.54 -4.19 5.67
N ALA B 322 -36.26 -3.35 4.65
CA ALA B 322 -37.06 -3.30 3.42
C ALA B 322 -36.81 -4.45 2.48
N GLY B 323 -35.84 -5.30 2.80
CA GLY B 323 -35.53 -6.42 1.92
C GLY B 323 -35.16 -5.87 0.53
N SER B 324 -34.37 -4.80 0.50
CA SER B 324 -34.20 -4.03 -0.73
C SER B 324 -33.21 -4.56 -1.78
N CYS B 325 -32.29 -5.43 -1.36
CA CYS B 325 -31.21 -5.92 -2.23
C CYS B 325 -30.61 -7.15 -1.53
N HIS B 326 -29.72 -7.84 -2.19
CA HIS B 326 -29.13 -9.03 -1.63
C HIS B 326 -27.91 -8.70 -0.76
N MSE B 327 -27.26 -7.57 -1.02
CA MSE B 327 -26.05 -7.19 -0.26
C MSE B 327 -25.99 -5.67 -0.13
O MSE B 327 -26.46 -4.94 -1.03
CB MSE B 327 -24.78 -7.75 -0.97
CG MSE B 327 -23.34 -7.31 -0.46
SE MSE B 327 -22.04 -8.02 -1.63
CE MSE B 327 -21.61 -6.64 -2.10
N VAL B 328 -25.51 -5.19 1.01
CA VAL B 328 -25.25 -3.80 1.18
C VAL B 328 -23.76 -3.53 1.47
N GLN B 329 -23.27 -2.44 0.88
CA GLN B 329 -21.93 -1.97 1.22
C GLN B 329 -21.95 -1.15 2.48
N ILE B 330 -21.30 -1.66 3.52
CA ILE B 330 -21.07 -0.96 4.74
C ILE B 330 -19.74 -0.24 4.51
N LYS B 331 -19.87 1.00 4.06
CA LYS B 331 -18.70 1.77 3.59
C LYS B 331 -18.02 2.30 4.85
N THR B 332 -17.09 1.52 5.39
CA THR B 332 -16.60 1.73 6.78
C THR B 332 -16.42 3.16 7.29
N PRO B 333 -15.73 4.02 6.61
CA PRO B 333 -15.53 5.34 7.23
C PRO B 333 -16.79 6.16 7.44
N ASP B 334 -17.82 5.93 6.65
CA ASP B 334 -19.03 6.71 6.82
C ASP B 334 -19.82 6.33 8.01
N LEU B 335 -19.55 5.18 8.62
CA LEU B 335 -20.33 4.80 9.77
C LEU B 335 -19.82 5.50 11.03
N GLY B 336 -18.76 6.27 10.93
CA GLY B 336 -18.18 6.85 12.15
C GLY B 336 -17.29 5.84 12.90
N GLY B 337 -17.66 5.57 14.16
CA GLY B 337 -16.90 4.67 15.03
C GLY B 337 -17.11 3.26 14.55
N ILE B 338 -16.05 2.48 14.63
CA ILE B 338 -16.07 1.14 14.09
C ILE B 338 -16.92 0.20 14.85
N HIS B 339 -17.38 0.55 16.05
CA HIS B 339 -18.31 -0.41 16.70
C HIS B 339 -19.62 -0.47 15.85
N ASN B 340 -19.95 0.61 15.17
CA ASN B 340 -21.09 0.56 14.27
C ASN B 340 -20.91 -0.46 13.15
N ILE B 341 -19.66 -0.72 12.71
CA ILE B 341 -19.45 -1.67 11.61
C ILE B 341 -19.87 -2.99 12.19
N VAL B 342 -19.35 -3.26 13.38
CA VAL B 342 -19.72 -4.49 14.03
C VAL B 342 -21.26 -4.67 14.14
N ASP B 343 -21.95 -3.69 14.65
CA ASP B 343 -23.39 -3.83 14.81
C ASP B 343 -24.10 -4.00 13.46
N ALA B 344 -23.62 -3.29 12.44
CA ALA B 344 -24.22 -3.37 11.11
C ALA B 344 -24.08 -4.73 10.51
N VAL B 345 -22.88 -5.28 10.62
CA VAL B 345 -22.65 -6.56 10.01
C VAL B 345 -23.48 -7.62 10.72
N LEU B 346 -23.58 -7.51 12.03
CA LEU B 346 -24.32 -8.53 12.79
C LEU B 346 -25.82 -8.39 12.44
N TYR B 347 -26.27 -7.16 12.33
CA TYR B 347 -27.66 -6.88 11.92
C TYR B 347 -27.98 -7.54 10.58
N CYS B 348 -27.18 -7.23 9.57
CA CYS B 348 -27.38 -7.87 8.28
C CYS B 348 -27.48 -9.39 8.43
N ASN B 349 -26.52 -9.94 9.17
CA ASN B 349 -26.34 -11.38 9.27
C ASN B 349 -27.55 -12.02 9.91
N LYS B 350 -28.20 -11.24 10.74
CA LYS B 350 -29.36 -11.71 11.48
C LYS B 350 -30.65 -11.55 10.69
N HIS B 351 -30.65 -10.61 9.74
CA HIS B 351 -31.84 -10.36 8.93
C HIS B 351 -31.77 -10.68 7.43
N GLY B 352 -31.03 -11.72 7.07
CA GLY B 352 -30.93 -12.17 5.69
C GLY B 352 -30.34 -11.24 4.62
N MSE B 353 -29.51 -10.31 5.06
CA MSE B 353 -28.74 -9.51 4.16
C MSE B 353 -27.24 -9.86 4.17
O MSE B 353 -26.66 -10.00 5.25
CB MSE B 353 -28.85 -8.07 4.63
CG MSE B 353 -28.03 -7.14 3.72
SE MSE B 353 -28.78 -6.95 1.98
CE MSE B 353 -29.63 -6.00 2.45
N GLU B 354 -26.65 -10.00 2.99
CA GLU B 354 -25.20 -10.15 2.80
C GLU B 354 -24.50 -8.85 3.19
N ALA B 355 -23.59 -8.92 4.15
CA ALA B 355 -22.83 -7.75 4.58
C ALA B 355 -21.53 -7.69 3.82
N TYR B 356 -21.32 -6.58 3.10
CA TYR B 356 -20.08 -6.30 2.36
C TYR B 356 -19.37 -5.19 3.11
N GLN B 357 -18.29 -5.56 3.79
CA GLN B 357 -17.55 -4.58 4.62
C GLN B 357 -16.59 -3.92 3.69
N GLY B 358 -17.00 -2.75 3.24
CA GLY B 358 -16.29 -2.00 2.23
C GLY B 358 -15.33 -0.98 2.81
N GLY B 359 -15.30 0.18 2.19
CA GLY B 359 -14.41 1.25 2.60
C GLY B 359 -14.05 2.09 1.40
N THR B 360 -12.87 2.69 1.41
CA THR B 360 -12.44 3.45 0.28
C THR B 360 -10.99 3.31 -0.11
N CYS B 361 -10.67 3.56 -1.38
CA CYS B 361 -9.26 3.66 -1.80
C CYS B 361 -8.56 4.77 -1.02
N ASN B 362 -9.31 5.75 -0.53
CA ASN B 362 -8.66 6.92 0.09
C ASN B 362 -8.41 6.83 1.59
N GLU B 363 -8.42 5.61 2.16
CA GLU B 363 -8.08 5.43 3.59
C GLU B 363 -6.63 4.98 3.75
N THR B 364 -6.28 4.25 4.81
CA THR B 364 -4.84 4.01 5.11
C THR B 364 -4.51 2.59 5.45
N GLU B 365 -3.21 2.34 5.64
CA GLU B 365 -2.77 0.99 5.98
C GLU B 365 -3.30 0.66 7.37
N ILE B 366 -3.29 1.65 8.25
CA ILE B 366 -3.78 1.41 9.60
C ILE B 366 -5.30 1.20 9.65
N SER B 367 -6.07 2.07 9.00
CA SER B 367 -7.53 1.84 8.97
C SER B 367 -7.84 0.50 8.34
N ALA B 368 -7.15 0.12 7.32
CA ALA B 368 -7.48 -1.16 6.71
C ALA B 368 -7.16 -2.32 7.59
N ARG B 369 -6.00 -2.20 8.21
CA ARG B 369 -5.56 -3.29 9.04
C ARG B 369 -6.56 -3.47 10.18
N THR B 370 -6.99 -2.36 10.76
CA THR B 370 -7.95 -2.40 11.87
C THR B 370 -9.27 -3.01 11.37
N CYS B 371 -9.65 -2.68 10.13
CA CYS B 371 -10.88 -3.25 9.55
C CYS B 371 -10.75 -4.78 9.43
N VAL B 372 -9.53 -5.30 9.32
CA VAL B 372 -9.38 -6.75 9.22
C VAL B 372 -9.89 -7.42 10.51
N HIS B 373 -9.61 -6.80 11.67
CA HIS B 373 -9.91 -7.39 12.97
C HIS B 373 -11.43 -7.34 13.20
N VAL B 374 -12.06 -6.25 12.77
CA VAL B 374 -13.53 -6.11 12.82
C VAL B 374 -14.20 -7.22 12.05
N ALA B 375 -13.66 -7.53 10.88
CA ALA B 375 -14.23 -8.57 10.04
C ALA B 375 -14.05 -9.99 10.56
N LEU B 376 -12.91 -10.29 11.16
CA LEU B 376 -12.70 -11.64 11.61
C LEU B 376 -13.63 -11.88 12.76
N ALA B 377 -14.00 -10.85 13.48
CA ALA B 377 -14.93 -11.04 14.60
C ALA B 377 -16.44 -11.12 14.16
N ALA B 378 -16.90 -10.13 13.42
CA ALA B 378 -18.30 -9.97 12.90
C ALA B 378 -18.76 -10.87 11.75
N ARG B 379 -17.81 -11.27 10.95
CA ARG B 379 -18.03 -12.11 9.82
C ARG B 379 -18.96 -11.57 8.75
N PRO B 380 -18.54 -10.53 8.06
CA PRO B 380 -19.28 -10.10 6.88
C PRO B 380 -18.97 -11.13 5.81
N MSE B 381 -19.76 -11.11 4.77
CA MSE B 381 -19.59 -12.03 3.69
C MSE B 381 -18.49 -11.63 2.74
O MSE B 381 -18.01 -12.45 2.01
CB MSE B 381 -20.92 -12.07 2.99
CG MSE B 381 -20.87 -12.50 1.63
SE MSE B 381 -21.09 -14.36 1.53
CE MSE B 381 -22.74 -14.16 1.38
N ARG B 382 -18.10 -10.38 2.77
CA ARG B 382 -17.16 -9.85 1.81
C ARG B 382 -16.49 -8.64 2.42
N MSE B 383 -15.24 -8.41 2.06
CA MSE B 383 -14.45 -7.30 2.55
C MSE B 383 -13.60 -6.70 1.49
O MSE B 383 -12.92 -7.40 0.75
CB MSE B 383 -13.50 -7.77 3.68
CG MSE B 383 -12.62 -6.67 4.19
SE MSE B 383 -11.69 -7.09 5.87
CE MSE B 383 -11.65 -5.81 6.11
N LEU B 384 -13.60 -5.38 1.46
CA LEU B 384 -12.84 -4.66 0.46
C LEU B 384 -11.29 -4.69 0.66
N ILE B 385 -10.54 -5.03 -0.38
CA ILE B 385 -9.08 -4.87 -0.43
C ILE B 385 -8.85 -3.38 -0.62
N LYS B 386 -8.20 -2.79 0.36
CA LYS B 386 -7.99 -1.39 0.42
C LYS B 386 -6.75 -1.17 1.34
N PRO B 387 -6.17 0.01 1.35
CA PRO B 387 -6.56 1.11 0.49
C PRO B 387 -5.85 1.11 -0.82
N GLY B 388 -5.93 2.27 -1.46
CA GLY B 388 -5.23 2.49 -2.70
C GLY B 388 -5.87 1.92 -3.94
N MSE B 389 -5.38 2.36 -5.09
CA MSE B 389 -5.86 1.90 -6.38
C MSE B 389 -4.82 1.05 -7.07
O MSE B 389 -4.99 0.71 -8.23
CB MSE B 389 -6.22 3.12 -7.25
CG MSE B 389 -7.56 3.81 -6.84
SE MSE B 389 -9.06 2.55 -6.89
CE MSE B 389 -8.55 2.03 -7.93
N GLY B 390 -3.72 0.74 -6.41
CA GLY B 390 -2.70 -0.07 -7.03
C GLY B 390 -3.04 -1.54 -6.92
N PHE B 391 -3.97 -1.84 -6.04
CA PHE B 391 -4.39 -3.22 -5.73
C PHE B 391 -3.35 -4.07 -4.97
N ASP B 392 -2.14 -4.24 -5.51
CA ASP B 392 -1.12 -5.08 -4.84
C ASP B 392 -0.93 -4.70 -3.36
N GLU B 393 -0.79 -3.41 -3.08
CA GLU B 393 -0.49 -2.94 -1.73
C GLU B 393 -1.61 -3.27 -0.77
N GLY B 394 -2.81 -2.93 -1.19
CA GLY B 394 -3.98 -3.35 -0.48
C GLY B 394 -4.16 -4.81 -0.18
N LEU B 395 -3.90 -5.66 -1.14
CA LEU B 395 -4.01 -7.07 -0.89
C LEU B 395 -2.99 -7.47 0.17
N ASN B 396 -1.78 -6.95 0.00
CA ASN B 396 -0.68 -7.24 0.91
C ASN B 396 -1.13 -6.87 2.33
N ILE B 397 -1.72 -5.70 2.48
CA ILE B 397 -2.19 -5.22 3.77
C ILE B 397 -3.28 -6.06 4.37
N VAL B 398 -4.32 -6.31 3.59
CA VAL B 398 -5.50 -6.91 4.10
C VAL B 398 -5.32 -8.39 4.22
N PHE B 399 -4.83 -9.04 3.18
CA PHE B 399 -4.72 -10.49 3.20
C PHE B 399 -3.65 -10.93 4.22
N ASN B 400 -2.51 -10.24 4.33
CA ASN B 400 -1.46 -10.72 5.23
C ASN B 400 -1.84 -10.48 6.71
N GLU B 401 -2.49 -9.38 7.01
CA GLU B 401 -2.92 -9.17 8.38
C GLU B 401 -3.96 -10.23 8.75
N MSE B 402 -4.89 -10.49 7.83
CA MSE B 402 -5.90 -11.55 8.01
C MSE B 402 -5.25 -12.90 8.38
O MSE B 402 -5.62 -13.53 9.37
CB MSE B 402 -6.82 -11.68 6.76
CG MSE B 402 -7.89 -12.66 6.92
SE MSE B 402 -9.13 -12.62 5.46
CE MSE B 402 -8.43 -13.33 4.63
N ASN B 403 -4.25 -13.33 7.62
CA ASN B 403 -3.68 -14.66 7.82
C ASN B 403 -2.78 -14.71 9.06
N ARG B 404 -2.15 -13.58 9.32
CA ARG B 404 -1.32 -13.46 10.50
C ARG B 404 -2.25 -13.57 11.71
N THR B 405 -3.40 -12.92 11.66
CA THR B 405 -4.31 -12.89 12.82
C THR B 405 -4.94 -14.25 13.10
N ILE B 406 -5.33 -14.93 12.03
CA ILE B 406 -5.83 -16.30 12.09
C ILE B 406 -4.79 -17.18 12.79
N ALA B 407 -3.51 -17.06 12.39
CA ALA B 407 -2.48 -17.85 13.01
C ALA B 407 -2.36 -17.54 14.49
N LEU B 408 -2.40 -16.28 14.90
CA LEU B 408 -2.39 -15.98 16.32
C LEU B 408 -3.58 -16.56 17.08
N LEU B 409 -4.76 -16.44 16.49
CA LEU B 409 -5.95 -16.96 17.11
C LEU B 409 -5.82 -18.44 17.29
N GLN B 410 -5.20 -19.17 16.37
CA GLN B 410 -5.12 -20.62 16.49
C GLN B 410 -4.18 -21.02 17.57
N THR B 411 -3.26 -20.13 17.88
CA THR B 411 -2.47 -20.34 19.03
C THR B 411 -3.46 -20.47 20.19
MG MG C . 18.06 0.90 -9.90
C 2AS D . -13.81 4.03 -3.21
O 2AS D . -12.69 3.54 -3.36
CA 2AS D . -14.90 3.60 -4.17
N 2AS D . -14.30 2.96 -5.37
CB 2AS D . -15.80 2.58 -3.49
CG 2AS D . -16.98 2.18 -4.35
OD1 2AS D . -17.94 1.57 -3.87
C4 2AS D . -15.08 1.28 -3.12
OD2 2AS D . -16.94 2.41 -5.54
OXT 2AS D . -14.02 4.84 -2.33
C 2AS E . 12.32 -2.18 -7.63
O 2AS E . 11.21 -1.81 -7.25
CA 2AS E . 13.14 -1.34 -8.64
N 2AS E . 12.32 -0.46 -9.49
CB 2AS E . 14.31 -0.60 -7.90
CG 2AS E . 15.25 0.07 -8.87
OD1 2AS E . 16.39 0.41 -8.55
C4 2AS E . 13.91 0.47 -6.88
OD2 2AS E . 14.87 0.22 -10.01
OXT 2AS E . 12.79 -3.22 -7.18
MG MG F . -19.91 1.64 -4.92
#